data_3W2C
#
_entry.id   3W2C
#
_cell.length_a   69.210
_cell.length_b   86.050
_cell.length_c   85.960
_cell.angle_alpha   90.00
_cell.angle_beta   89.83
_cell.angle_gamma   90.00
#
_symmetry.space_group_name_H-M   'P 1 21 1'
#
loop_
_entity.id
_entity.type
_entity.pdbx_description
1 polymer 'Aurora kinase A'
2 non-polymer 2-{4-[3-(1H-benzimidazol-2-yl)-1H-indazol-6-yl]-1H-pyrazol-1-yl}-N-(3-methylbutyl)acetamide
3 water water
#
_entity_poly.entity_id   1
_entity_poly.type   'polypeptide(L)'
_entity_poly.pdbx_seq_one_letter_code
;WALEDFEIGRPLGKGKFGNVYLAREKQSKFILALKVLFKAQLEKAGVEHQLRREVEIQSHLRHPNILRLYGYFHDATRVY
LILEYAPLGTVYRELQKLSKFDEQRTATYITELANALSYCHSKRVIHRDIKPENLLLGSAGELKIADFGWSVHAPSSRRT
TLCGTLDYLPPEMIEGRMHDEKVDLWSLGVLCYEFLVGKPPFEANTYQETYKRISRVEFTFPDFVTEGARDLISRLLKHN
PSQRPMLREVLEHPWITANSS
;
_entity_poly.pdbx_strand_id   A,C,E,G
#
loop_
_chem_comp.id
_chem_comp.type
_chem_comp.name
_chem_comp.formula
N15 non-polymer 2-{4-[3-(1H-benzimidazol-2-yl)-1H-indazol-6-yl]-1H-pyrazol-1-yl}-N-(3-methylbutyl)acetamide 'C24 H25 N7 O'
#
# COMPACT_ATOMS: atom_id res chain seq x y z
N TRP A 1 18.78 5.77 33.00
CA TRP A 1 17.53 5.22 33.67
C TRP A 1 17.64 3.70 33.86
N ALA A 2 17.27 3.21 35.04
CA ALA A 2 17.22 1.76 35.28
C ALA A 2 15.95 1.30 36.09
N LEU A 3 15.50 0.08 35.83
CA LEU A 3 14.33 -0.53 36.49
C LEU A 3 14.32 -0.29 37.98
N GLU A 4 15.50 -0.24 38.57
CA GLU A 4 15.65 -0.11 40.02
C GLU A 4 15.34 1.30 40.52
N ASP A 5 15.31 2.28 39.62
CA ASP A 5 14.88 3.62 39.96
C ASP A 5 13.36 3.79 40.12
N PHE A 6 12.54 2.72 39.99
CA PHE A 6 11.07 2.86 39.95
C PHE A 6 10.35 1.92 40.92
N GLU A 7 9.27 2.39 41.53
CA GLU A 7 8.41 1.50 42.30
C GLU A 7 7.30 1.12 41.32
N ILE A 8 6.83 -0.13 41.42
CA ILE A 8 5.78 -0.70 40.57
C ILE A 8 4.54 -0.94 41.41
N GLY A 9 3.41 -0.50 40.90
CA GLY A 9 2.13 -0.84 41.47
C GLY A 9 1.36 -1.85 40.58
N ARG A 10 0.03 -1.66 40.50
CA ARG A 10 -0.86 -2.47 39.71
C ARG A 10 -0.76 -2.29 38.19
N PRO A 11 -1.12 -3.35 37.45
CA PRO A 11 -1.31 -3.18 36.02
C PRO A 11 -2.45 -2.22 35.82
N LEU A 12 -2.33 -1.41 34.80
CA LEU A 12 -3.26 -0.35 34.56
C LEU A 12 -4.36 -0.70 33.54
N GLY A 13 -4.04 -1.49 32.52
CA GLY A 13 -4.94 -1.56 31.37
C GLY A 13 -5.40 -2.88 30.77
N LYS A 14 -5.30 -3.94 31.58
CA LYS A 14 -5.73 -5.31 31.26
C LYS A 14 -6.20 -5.72 29.84
N GLY A 15 -6.27 -4.78 28.90
CA GLY A 15 -6.81 -5.07 27.57
C GLY A 15 -5.85 -4.59 26.51
N LYS A 16 -4.69 -5.24 26.45
CA LYS A 16 -3.62 -4.87 25.52
C LYS A 16 -3.00 -3.48 25.80
N PHE A 17 -3.46 -2.84 26.88
CA PHE A 17 -2.59 -2.00 27.71
C PHE A 17 -2.24 -2.84 28.93
N GLY A 18 -2.28 -4.16 28.79
CA GLY A 18 -2.05 -5.03 29.93
C GLY A 18 -0.59 -5.13 30.35
N ASN A 19 0.34 -4.52 29.59
CA ASN A 19 1.76 -4.44 30.00
C ASN A 19 2.23 -3.05 30.51
N VAL A 20 1.30 -2.17 30.86
CA VAL A 20 1.66 -0.90 31.49
C VAL A 20 1.25 -0.86 32.95
N TYR A 21 2.16 -0.36 33.77
CA TYR A 21 2.08 -0.53 35.19
C TYR A 21 2.07 0.81 35.83
N LEU A 22 1.28 0.95 36.88
CA LEU A 22 1.43 2.09 37.75
C LEU A 22 2.87 2.05 38.30
N ALA A 23 3.57 3.17 38.30
CA ALA A 23 4.93 3.13 38.73
C ALA A 23 5.30 4.46 39.38
N ARG A 24 6.54 4.62 39.84
CA ARG A 24 6.85 5.75 40.71
C ARG A 24 8.31 5.89 40.79
N GLU A 25 8.82 7.03 40.34
CA GLU A 25 10.27 7.29 40.38
C GLU A 25 10.70 7.37 41.86
N LYS A 26 11.73 6.61 42.24
CA LYS A 26 12.06 6.41 43.65
C LYS A 26 12.50 7.64 44.39
N GLN A 27 13.20 8.55 43.72
CA GLN A 27 13.79 9.65 44.47
C GLN A 27 12.82 10.78 44.68
N SER A 28 12.24 11.25 43.59
CA SER A 28 11.26 12.32 43.63
C SER A 28 9.87 11.88 44.12
N LYS A 29 9.55 10.59 44.08
CA LYS A 29 8.20 10.08 44.51
C LYS A 29 7.02 10.32 43.53
N PHE A 30 7.36 10.87 42.37
CA PHE A 30 6.49 11.12 41.28
C PHE A 30 5.88 9.85 40.61
N ILE A 31 4.56 9.87 40.51
CA ILE A 31 3.79 8.78 39.98
C ILE A 31 3.82 8.87 38.45
N LEU A 32 4.04 7.73 37.80
CA LEU A 32 4.38 7.64 36.39
C LEU A 32 3.69 6.34 35.86
N ALA A 33 3.89 6.01 34.59
CA ALA A 33 3.46 4.68 34.06
C ALA A 33 4.65 3.99 33.38
N LEU A 34 4.72 2.66 33.49
CA LEU A 34 5.85 1.89 32.90
C LEU A 34 5.28 0.80 32.03
N LYS A 35 5.61 0.88 30.76
CA LYS A 35 5.31 -0.12 29.78
C LYS A 35 6.54 -0.97 29.62
N VAL A 36 6.32 -2.29 29.67
CA VAL A 36 7.36 -3.30 29.60
C VAL A 36 7.22 -4.24 28.42
N LEU A 37 8.30 -4.30 27.64
CA LEU A 37 8.40 -5.19 26.48
C LEU A 37 9.58 -6.16 26.56
N PHE A 38 9.36 -7.39 26.10
CA PHE A 38 10.43 -8.37 25.96
C PHE A 38 11.07 -8.08 24.61
N LYS A 39 12.38 -7.84 24.58
CA LYS A 39 13.10 -7.51 23.31
C LYS A 39 12.87 -8.59 22.25
N ALA A 40 13.07 -9.85 22.63
CA ALA A 40 12.78 -11.01 21.76
C ALA A 40 11.39 -10.95 21.11
N GLN A 41 10.52 -10.08 21.63
CA GLN A 41 9.40 -9.49 20.89
C GLN A 41 8.04 -10.13 21.19
N GLU A 54 7.89 5.86 16.61
CA GLU A 54 8.84 5.26 17.54
C GLU A 54 9.34 6.18 18.68
N VAL A 55 10.21 5.58 19.50
CA VAL A 55 10.57 6.04 20.84
C VAL A 55 11.39 7.33 20.91
N GLU A 56 12.04 7.67 19.80
CA GLU A 56 12.93 8.82 19.71
C GLU A 56 12.18 10.13 19.38
N ILE A 57 11.17 10.06 18.50
CA ILE A 57 10.35 11.22 18.15
C ILE A 57 9.38 11.66 19.27
N GLN A 58 8.66 10.71 19.87
CA GLN A 58 7.65 11.00 20.91
C GLN A 58 8.22 11.70 22.16
N SER A 59 9.54 11.75 22.25
CA SER A 59 10.19 12.28 23.43
C SER A 59 10.13 13.81 23.49
N HIS A 60 10.59 14.46 22.43
CA HIS A 60 10.54 15.93 22.33
C HIS A 60 9.25 16.34 21.65
N LEU A 61 8.26 15.43 21.68
CA LEU A 61 6.94 15.68 21.15
C LEU A 61 5.97 16.00 22.29
N ARG A 62 5.88 17.29 22.63
CA ARG A 62 5.06 17.76 23.75
C ARG A 62 3.77 18.51 23.37
N HIS A 63 2.69 18.22 24.10
CA HIS A 63 1.37 18.77 23.84
C HIS A 63 0.47 18.38 24.99
N PRO A 64 -0.47 19.27 25.41
CA PRO A 64 -1.32 18.94 26.55
C PRO A 64 -2.36 17.82 26.30
N ASN A 65 -2.67 17.51 25.03
CA ASN A 65 -3.65 16.45 24.74
C ASN A 65 -2.98 15.19 24.16
N ILE A 66 -1.68 15.11 24.39
CA ILE A 66 -0.88 13.99 24.02
C ILE A 66 -0.14 13.53 25.28
N LEU A 67 -0.11 12.22 25.51
CA LEU A 67 0.62 11.66 26.62
C LEU A 67 2.09 11.88 26.34
N ARG A 68 2.85 12.29 27.35
CA ARG A 68 4.30 12.34 27.19
C ARG A 68 4.89 10.95 27.24
N LEU A 69 5.80 10.68 26.32
CA LEU A 69 6.79 9.65 26.57
C LEU A 69 7.92 10.41 27.29
N TYR A 70 8.28 9.99 28.52
CA TYR A 70 9.40 10.59 29.27
C TYR A 70 10.78 9.97 28.98
N GLY A 71 10.80 8.76 28.43
CA GLY A 71 12.06 8.10 28.06
C GLY A 71 11.99 6.58 27.97
N TYR A 72 13.10 5.95 27.61
CA TYR A 72 13.16 4.49 27.55
C TYR A 72 14.49 3.95 28.07
N PHE A 73 14.58 2.65 28.31
CA PHE A 73 15.81 2.01 28.78
C PHE A 73 15.59 0.54 28.68
N HIS A 74 16.68 -0.23 28.70
CA HIS A 74 16.56 -1.67 28.66
C HIS A 74 17.63 -2.36 29.45
N ASP A 75 17.45 -3.68 29.58
CA ASP A 75 18.43 -4.55 30.23
C ASP A 75 18.73 -5.71 29.27
N ALA A 76 19.30 -6.81 29.75
CA ALA A 76 19.60 -7.92 28.84
C ALA A 76 18.37 -8.56 28.21
N THR A 77 17.20 -8.40 28.83
CA THR A 77 16.00 -9.08 28.29
C THR A 77 14.84 -8.19 27.85
N ARG A 78 14.66 -7.07 28.54
CA ARG A 78 13.46 -6.26 28.36
C ARG A 78 13.70 -4.77 28.05
N VAL A 79 12.63 -4.15 27.56
CA VAL A 79 12.56 -2.74 27.19
C VAL A 79 11.44 -2.07 28.00
N TYR A 80 11.73 -0.88 28.52
CA TYR A 80 10.84 -0.18 29.44
C TYR A 80 10.58 1.21 28.92
N LEU A 81 9.30 1.56 28.84
CA LEU A 81 8.83 2.84 28.34
C LEU A 81 8.27 3.64 29.49
N ILE A 82 8.85 4.80 29.76
CA ILE A 82 8.43 5.60 30.92
C ILE A 82 7.40 6.61 30.45
N LEU A 83 6.18 6.52 30.97
CA LEU A 83 5.06 7.24 30.38
C LEU A 83 4.35 8.07 31.43
N GLU A 84 3.67 9.14 30.98
CA GLU A 84 2.75 9.92 31.87
C GLU A 84 1.61 9.01 32.35
N TYR A 85 1.27 9.18 33.61
CA TYR A 85 0.12 8.55 34.23
C TYR A 85 -1.08 9.46 34.09
N ALA A 86 -2.20 8.90 33.58
CA ALA A 86 -3.46 9.62 33.46
C ALA A 86 -4.41 9.18 34.59
N PRO A 87 -4.55 10.04 35.60
CA PRO A 87 -5.24 9.67 36.83
C PRO A 87 -6.68 9.24 36.64
N LEU A 88 -7.37 9.81 35.67
CA LEU A 88 -8.80 9.58 35.55
C LEU A 88 -9.22 8.42 34.65
N GLY A 89 -8.24 7.72 34.09
CA GLY A 89 -8.54 6.53 33.32
C GLY A 89 -8.79 6.75 31.83
N THR A 90 -9.49 5.81 31.22
CA THR A 90 -9.79 5.90 29.81
C THR A 90 -11.15 6.55 29.59
N VAL A 91 -11.26 7.29 28.47
CA VAL A 91 -12.50 7.87 27.99
C VAL A 91 -13.53 6.76 27.82
N TYR A 92 -13.08 5.65 27.26
CA TYR A 92 -13.88 4.45 27.22
C TYR A 92 -14.62 4.17 28.53
N ARG A 93 -13.90 3.99 29.64
CA ARG A 93 -14.57 3.57 30.86
C ARG A 93 -15.52 4.66 31.37
N GLU A 94 -15.29 5.93 31.04
CA GLU A 94 -16.27 6.98 31.41
C GLU A 94 -17.55 6.85 30.62
N LEU A 95 -17.39 6.46 29.36
CA LEU A 95 -18.52 6.22 28.47
C LEU A 95 -19.37 5.10 29.03
N GLN A 96 -18.73 4.01 29.43
CA GLN A 96 -19.42 2.91 30.15
C GLN A 96 -20.07 3.32 31.50
N LYS A 97 -19.55 4.37 32.13
CA LYS A 97 -20.14 4.87 33.37
C LYS A 97 -21.45 5.52 32.98
N LEU A 98 -21.32 6.72 32.42
CA LEU A 98 -22.37 7.62 31.95
C LEU A 98 -23.26 7.16 30.79
N SER A 99 -23.05 5.95 30.29
CA SER A 99 -23.67 5.45 29.04
C SER A 99 -23.48 6.33 27.78
N LYS A 100 -23.67 7.65 27.90
CA LYS A 100 -23.39 8.62 26.85
C LYS A 100 -23.05 9.95 27.47
N PHE A 101 -22.33 10.82 26.75
CA PHE A 101 -21.95 12.15 27.26
C PHE A 101 -22.87 13.28 26.78
N ASP A 102 -23.06 14.27 27.63
CA ASP A 102 -23.77 15.47 27.23
C ASP A 102 -23.02 16.26 26.11
N GLU A 103 -23.70 17.20 25.47
CA GLU A 103 -23.05 17.99 24.41
C GLU A 103 -21.81 18.77 24.85
N GLN A 104 -21.88 19.37 26.03
CA GLN A 104 -20.79 20.19 26.56
C GLN A 104 -19.51 19.34 26.61
N ARG A 105 -19.67 18.16 27.21
CA ARG A 105 -18.62 17.19 27.34
C ARG A 105 -18.03 16.71 26.02
N THR A 106 -18.88 16.23 25.09
CA THR A 106 -18.34 15.66 23.84
C THR A 106 -17.66 16.73 23.01
N ALA A 107 -18.30 17.89 22.93
CA ALA A 107 -17.73 19.02 22.19
C ALA A 107 -16.33 19.38 22.67
N THR A 108 -16.09 19.40 23.99
CA THR A 108 -14.73 19.76 24.41
C THR A 108 -13.73 18.63 24.13
N TYR A 109 -14.16 17.36 24.24
CA TYR A 109 -13.30 16.24 23.82
C TYR A 109 -12.84 16.36 22.38
N ILE A 110 -13.75 16.77 21.51
CA ILE A 110 -13.48 16.84 20.07
C ILE A 110 -12.47 17.90 19.67
N THR A 111 -12.63 19.11 20.22
CA THR A 111 -11.66 20.17 19.93
C THR A 111 -10.31 19.80 20.54
N GLU A 112 -10.35 19.21 21.74
CA GLU A 112 -9.11 18.68 22.37
C GLU A 112 -8.42 17.70 21.43
N LEU A 113 -9.23 16.84 20.82
CA LEU A 113 -8.73 15.83 19.92
C LEU A 113 -8.27 16.40 18.60
N ALA A 114 -9.05 17.31 18.02
CA ALA A 114 -8.62 17.99 16.79
C ALA A 114 -7.33 18.73 17.06
N ASN A 115 -7.23 19.37 18.24
CA ASN A 115 -5.98 20.00 18.63
C ASN A 115 -4.82 19.02 18.61
N ALA A 116 -5.03 17.83 19.17
CA ALA A 116 -4.02 16.77 19.14
C ALA A 116 -3.65 16.34 17.74
N LEU A 117 -4.64 16.16 16.87
CA LEU A 117 -4.37 15.68 15.52
C LEU A 117 -3.73 16.78 14.67
N SER A 118 -4.16 18.02 14.90
CA SER A 118 -3.52 19.21 14.34
C SER A 118 -2.01 19.23 14.54
N TYR A 119 -1.57 19.12 15.81
CA TYR A 119 -0.15 19.06 16.16
C TYR A 119 0.55 17.88 15.54
N CYS A 120 -0.08 16.71 15.54
CA CYS A 120 0.45 15.55 14.80
C CYS A 120 0.52 15.80 13.29
N ILE A 130 -7.30 5.65 17.53
CA ILE A 130 -8.24 6.68 17.91
C ILE A 130 -9.53 5.94 18.20
N LYS A 131 -9.81 5.77 19.47
CA LYS A 131 -10.79 4.84 19.92
C LYS A 131 -10.93 5.13 21.39
N PRO A 132 -12.15 5.01 21.92
CA PRO A 132 -12.30 5.48 23.27
C PRO A 132 -11.36 4.80 24.27
N GLU A 133 -10.96 3.56 23.99
CA GLU A 133 -10.08 2.83 24.89
C GLU A 133 -8.61 3.27 24.82
N ASN A 134 -8.17 3.77 23.67
CA ASN A 134 -6.84 4.37 23.58
C ASN A 134 -6.86 5.84 23.97
N LEU A 135 -7.98 6.34 24.50
CA LEU A 135 -8.02 7.73 24.95
C LEU A 135 -8.03 7.90 26.49
N LEU A 136 -7.11 8.70 27.00
CA LEU A 136 -6.94 8.82 28.44
C LEU A 136 -7.38 10.15 28.98
N LEU A 137 -7.62 10.19 30.28
CA LEU A 137 -8.10 11.38 30.97
C LEU A 137 -7.15 11.93 32.04
N GLY A 138 -6.79 13.21 31.88
CA GLY A 138 -5.87 13.88 32.82
C GLY A 138 -6.47 14.33 34.14
N SER A 139 -5.67 15.03 34.94
CA SER A 139 -6.10 15.45 36.29
C SER A 139 -7.35 16.32 36.25
N ALA A 140 -7.41 17.22 35.26
CA ALA A 140 -8.60 18.06 35.11
C ALA A 140 -9.66 17.50 34.13
N GLY A 141 -9.65 16.18 33.89
CA GLY A 141 -10.56 15.52 32.94
C GLY A 141 -10.28 15.76 31.44
N GLU A 142 -9.07 16.22 31.13
CA GLU A 142 -8.70 16.58 29.77
C GLU A 142 -8.21 15.36 29.00
N LEU A 143 -8.57 15.28 27.73
CA LEU A 143 -8.35 14.09 26.92
C LEU A 143 -6.91 14.04 26.42
N LYS A 144 -6.29 12.87 26.45
CA LYS A 144 -4.98 12.69 25.84
C LYS A 144 -4.92 11.44 24.97
N ILE A 145 -4.28 11.56 23.80
CA ILE A 145 -4.03 10.41 22.94
C ILE A 145 -2.85 9.54 23.39
N ALA A 146 -3.04 8.22 23.29
CA ALA A 146 -1.95 7.23 23.36
C ALA A 146 -1.94 6.44 22.03
N ASP A 147 -0.79 5.83 21.73
CA ASP A 147 -0.53 5.17 20.44
C ASP A 147 -0.34 6.19 19.31
N THR A 165 -11.33 -3.17 15.66
CA THR A 165 -11.15 -3.52 14.26
C THR A 165 -11.92 -2.55 13.35
N LEU A 166 -13.05 -2.97 12.78
CA LEU A 166 -13.81 -2.19 11.79
C LEU A 166 -14.38 -0.84 12.27
N ASP A 167 -15.17 -0.88 13.34
CA ASP A 167 -15.95 0.28 13.81
C ASP A 167 -15.46 1.73 13.53
N TYR A 168 -14.17 2.00 13.74
CA TYR A 168 -13.60 3.34 13.55
C TYR A 168 -12.81 3.53 12.27
N LEU A 169 -12.89 2.55 11.38
CA LEU A 169 -12.20 2.55 10.09
C LEU A 169 -13.07 3.10 8.98
N PRO A 170 -12.51 4.02 8.17
CA PRO A 170 -13.21 4.64 7.03
C PRO A 170 -13.40 3.66 5.86
N PRO A 171 -14.34 3.95 4.92
CA PRO A 171 -14.50 3.01 3.82
C PRO A 171 -13.20 2.83 3.03
N GLU A 172 -12.56 3.94 2.66
CA GLU A 172 -11.28 3.87 1.99
C GLU A 172 -10.35 2.83 2.63
N MET A 173 -10.20 2.90 3.96
CA MET A 173 -9.23 2.09 4.70
C MET A 173 -9.65 0.62 4.91
N ILE A 174 -10.87 0.26 4.51
CA ILE A 174 -11.32 -1.14 4.60
C ILE A 174 -11.66 -1.76 3.23
N GLU A 175 -11.62 -0.93 2.18
CA GLU A 175 -12.11 -1.31 0.87
C GLU A 175 -11.28 -2.41 0.21
N VAL A 183 -8.60 10.26 7.17
CA VAL A 183 -9.05 9.12 7.94
C VAL A 183 -9.20 9.48 9.40
N ASP A 184 -8.36 10.38 9.88
CA ASP A 184 -8.50 10.80 11.26
C ASP A 184 -9.67 11.78 11.42
N LEU A 185 -10.20 12.30 10.31
CA LEU A 185 -11.42 13.11 10.35
C LEU A 185 -12.69 12.22 10.45
N TRP A 186 -12.74 11.14 9.66
CA TRP A 186 -13.74 10.07 9.79
C TRP A 186 -13.76 9.56 11.24
N SER A 187 -12.61 9.18 11.74
CA SER A 187 -12.48 8.68 13.10
C SER A 187 -13.09 9.66 14.08
N LEU A 188 -12.88 10.96 13.85
CA LEU A 188 -13.40 12.01 14.70
C LEU A 188 -14.91 12.00 14.65
N GLY A 189 -15.40 11.82 13.44
CA GLY A 189 -16.83 11.66 13.24
C GLY A 189 -17.46 10.48 13.94
N VAL A 190 -16.84 9.30 13.82
CA VAL A 190 -17.26 8.11 14.58
C VAL A 190 -17.20 8.35 16.11
N LEU A 191 -16.17 9.04 16.59
CA LEU A 191 -16.04 9.33 18.03
C LEU A 191 -17.11 10.31 18.57
N CYS A 192 -17.32 11.41 17.83
CA CYS A 192 -18.38 12.38 18.16
C CYS A 192 -19.77 11.72 18.19
N TYR A 193 -20.06 10.83 17.24
CA TYR A 193 -21.30 10.07 17.31
C TYR A 193 -21.30 9.25 18.56
N GLU A 194 -20.29 8.40 18.76
CA GLU A 194 -20.33 7.47 19.90
C GLU A 194 -20.33 8.16 21.24
N PHE A 195 -19.64 9.27 21.36
CA PHE A 195 -19.83 10.09 22.59
C PHE A 195 -21.26 10.52 22.79
N LEU A 196 -21.94 11.08 21.77
CA LEU A 196 -23.30 11.61 22.06
C LEU A 196 -24.31 10.47 22.21
N VAL A 197 -24.02 9.33 21.60
CA VAL A 197 -25.03 8.30 21.45
C VAL A 197 -24.80 7.11 22.36
N GLY A 198 -23.55 6.80 22.66
CA GLY A 198 -23.24 5.62 23.47
C GLY A 198 -22.91 4.34 22.69
N LYS A 199 -23.14 4.33 21.36
CA LYS A 199 -22.57 3.27 20.49
C LYS A 199 -22.01 3.87 19.19
N PRO A 200 -21.05 3.18 18.53
CA PRO A 200 -20.58 3.68 17.25
C PRO A 200 -21.67 3.59 16.18
N PRO A 201 -21.59 4.41 15.12
CA PRO A 201 -22.78 4.58 14.30
C PRO A 201 -23.06 3.40 13.40
N PHE A 202 -22.05 2.54 13.20
CA PHE A 202 -22.13 1.47 12.21
C PHE A 202 -22.25 0.07 12.77
N GLU A 203 -22.56 -0.03 14.06
CA GLU A 203 -22.68 -1.34 14.73
C GLU A 203 -23.64 -2.32 14.09
N ALA A 204 -23.12 -3.49 13.77
CA ALA A 204 -23.93 -4.57 13.25
C ALA A 204 -23.51 -5.88 13.92
N ASN A 205 -24.34 -6.91 13.73
CA ASN A 205 -24.09 -8.23 14.34
C ASN A 205 -22.79 -8.86 13.87
N THR A 206 -22.61 -8.98 12.56
CA THR A 206 -21.38 -9.54 11.98
C THR A 206 -20.41 -8.48 11.43
N TYR A 207 -19.22 -8.93 11.06
CA TYR A 207 -18.18 -8.11 10.45
C TYR A 207 -18.52 -7.80 8.98
N GLN A 208 -19.17 -8.73 8.30
CA GLN A 208 -19.62 -8.55 6.92
C GLN A 208 -20.56 -7.35 6.80
N TYR A 211 -18.93 -4.36 7.67
CA TYR A 211 -18.27 -3.95 6.43
C TYR A 211 -19.19 -3.06 5.58
N LYS A 212 -20.41 -3.52 5.36
CA LYS A 212 -21.32 -2.93 4.35
C LYS A 212 -21.90 -1.64 4.85
N ARG A 213 -22.15 -1.56 6.14
CA ARG A 213 -22.73 -0.37 6.71
C ARG A 213 -21.77 0.77 6.51
N ILE A 214 -20.49 0.51 6.77
CA ILE A 214 -19.43 1.51 6.68
C ILE A 214 -19.21 1.99 5.23
N SER A 215 -19.04 1.03 4.34
CA SER A 215 -18.78 1.26 2.92
C SER A 215 -19.91 2.04 2.21
N ARG A 216 -21.15 1.93 2.73
CA ARG A 216 -22.32 2.62 2.18
C ARG A 216 -22.84 3.69 3.13
N VAL A 217 -22.00 4.06 4.10
CA VAL A 217 -22.37 5.05 5.14
C VAL A 217 -23.82 4.98 5.65
N GLU A 218 -24.35 3.77 5.84
CA GLU A 218 -25.69 3.66 6.34
C GLU A 218 -25.63 3.80 7.85
N PHE A 219 -26.15 4.92 8.35
CA PHE A 219 -26.24 5.20 9.78
C PHE A 219 -27.33 6.25 10.03
N THR A 220 -27.92 6.24 11.22
CA THR A 220 -29.01 7.16 11.51
C THR A 220 -28.84 7.74 12.89
N PHE A 221 -29.59 8.79 13.19
CA PHE A 221 -29.52 9.44 14.49
C PHE A 221 -30.75 9.15 15.33
N PRO A 222 -30.56 8.91 16.65
CA PRO A 222 -31.66 8.92 17.60
C PRO A 222 -32.11 10.35 17.76
N ASP A 223 -33.38 10.58 18.07
CA ASP A 223 -33.66 11.94 18.47
C ASP A 223 -33.27 12.27 19.89
N PHE A 224 -32.13 12.90 19.98
CA PHE A 224 -31.82 13.88 20.97
C PHE A 224 -30.65 14.61 20.33
N VAL A 225 -30.10 14.01 19.28
CA VAL A 225 -28.96 14.56 18.61
C VAL A 225 -29.38 15.75 17.73
N THR A 226 -28.87 16.92 18.09
CA THR A 226 -29.21 18.18 17.45
C THR A 226 -28.59 18.24 16.06
N GLU A 227 -29.13 19.09 15.18
CA GLU A 227 -28.63 19.22 13.78
C GLU A 227 -27.23 19.80 13.75
N GLY A 228 -26.87 20.58 14.76
CA GLY A 228 -25.50 21.09 14.87
C GLY A 228 -24.56 19.90 14.98
N ALA A 229 -24.92 19.00 15.90
CA ALA A 229 -24.23 17.73 16.10
C ALA A 229 -24.32 16.86 14.84
N ARG A 230 -25.53 16.76 14.26
CA ARG A 230 -25.77 15.99 13.04
C ARG A 230 -24.97 16.45 11.86
N ASP A 231 -24.79 17.77 11.80
CA ASP A 231 -24.14 18.38 10.65
C ASP A 231 -22.66 18.14 10.66
N LEU A 232 -22.03 18.46 11.79
CA LEU A 232 -20.63 18.12 12.04
C LEU A 232 -20.37 16.63 11.73
N ILE A 233 -21.16 15.74 12.34
CA ILE A 233 -20.96 14.31 12.14
C ILE A 233 -21.17 13.88 10.70
N SER A 234 -22.27 14.32 10.11
CA SER A 234 -22.54 14.00 8.69
C SER A 234 -21.52 14.61 7.73
N ARG A 235 -20.91 15.73 8.13
CA ARG A 235 -19.80 16.27 7.32
C ARG A 235 -18.60 15.36 7.46
N LEU A 236 -18.38 14.82 8.64
CA LEU A 236 -17.18 14.02 8.88
C LEU A 236 -17.31 12.59 8.27
N LEU A 237 -18.49 12.01 8.37
CA LEU A 237 -18.75 10.67 7.87
C LEU A 237 -19.22 10.71 6.41
N LYS A 238 -18.40 11.34 5.56
CA LYS A 238 -18.60 11.37 4.08
C LYS A 238 -17.72 10.29 3.43
N HIS A 239 -18.28 9.54 2.48
CA HIS A 239 -17.58 8.43 1.84
C HIS A 239 -16.38 8.90 1.07
N ASN A 240 -16.49 10.13 0.56
CA ASN A 240 -15.48 10.82 -0.20
C ASN A 240 -14.61 11.57 0.81
N PRO A 241 -13.36 11.12 1.03
CA PRO A 241 -12.42 11.71 2.02
C PRO A 241 -12.20 13.24 1.88
N HIS A 253 -16.31 25.20 13.91
CA HIS A 253 -17.67 24.81 13.56
C HIS A 253 -18.59 25.24 14.70
N PRO A 254 -19.74 25.84 14.36
CA PRO A 254 -20.67 26.47 15.31
C PRO A 254 -21.09 25.59 16.46
N TRP A 255 -21.24 24.29 16.22
CA TRP A 255 -21.68 23.40 17.30
C TRP A 255 -20.53 23.09 18.26
N ILE A 256 -19.31 23.17 17.73
CA ILE A 256 -18.10 22.87 18.49
C ILE A 256 -17.73 24.02 19.42
N THR A 257 -17.58 25.23 18.88
CA THR A 257 -17.71 26.44 19.72
C THR A 257 -19.14 26.38 20.30
N ALA A 258 -19.54 27.34 21.12
CA ALA A 258 -20.87 27.29 21.74
C ALA A 258 -20.99 26.22 22.82
N ASN A 259 -20.68 24.96 22.50
CA ASN A 259 -20.85 23.83 23.42
C ASN A 259 -19.66 23.44 24.32
N SER A 260 -18.44 23.83 23.92
CA SER A 260 -17.18 23.35 24.52
C SER A 260 -16.77 23.83 25.94
N SER A 261 -15.63 24.52 26.03
CA SER A 261 -14.80 24.58 27.25
C SER A 261 -15.57 24.68 28.56
N TRP B 1 -51.63 -13.83 20.77
CA TRP B 1 -50.74 -12.89 21.46
C TRP B 1 -50.61 -11.68 20.54
N ALA B 2 -50.73 -10.48 21.09
CA ALA B 2 -50.59 -9.33 20.20
C ALA B 2 -49.90 -8.15 20.89
N LEU B 3 -49.27 -7.28 20.10
CA LEU B 3 -48.38 -6.24 20.64
C LEU B 3 -49.07 -5.41 21.70
N GLU B 4 -50.39 -5.29 21.59
CA GLU B 4 -51.14 -4.46 22.52
C GLU B 4 -51.43 -5.17 23.84
N ASP B 5 -51.08 -6.44 23.95
CA ASP B 5 -51.12 -7.14 25.22
C ASP B 5 -49.93 -6.76 26.13
N PHE B 6 -48.96 -6.01 25.63
CA PHE B 6 -47.71 -5.82 26.39
C PHE B 6 -47.40 -4.37 26.63
N GLU B 7 -46.80 -4.11 27.80
CA GLU B 7 -46.35 -2.76 28.12
C GLU B 7 -44.85 -2.86 27.87
N ILE B 8 -44.31 -1.88 27.18
CA ILE B 8 -42.89 -1.85 26.89
C ILE B 8 -42.13 -0.90 27.82
N GLY B 9 -40.97 -1.32 28.29
CA GLY B 9 -40.03 -0.42 28.95
C GLY B 9 -38.75 -0.19 28.13
N ARG B 10 -37.59 -0.32 28.78
CA ARG B 10 -36.31 0.07 28.21
C ARG B 10 -35.64 -1.02 27.38
N PRO B 11 -34.73 -0.63 26.47
CA PRO B 11 -33.98 -1.68 25.84
C PRO B 11 -33.09 -2.30 26.89
N LEU B 12 -32.91 -3.61 26.77
CA LEU B 12 -32.15 -4.38 27.71
C LEU B 12 -30.69 -4.60 27.29
N GLY B 13 -30.36 -4.49 26.02
CA GLY B 13 -29.02 -4.94 25.58
C GLY B 13 -27.94 -4.12 24.88
N LYS B 14 -28.17 -2.82 24.66
CA LYS B 14 -27.16 -1.89 24.03
C LYS B 14 -26.18 -2.50 23.01
N GLY B 15 -26.74 -3.11 21.97
CA GLY B 15 -25.94 -3.86 21.00
C GLY B 15 -26.29 -5.35 21.02
N LYS B 16 -26.47 -5.92 19.80
CA LYS B 16 -26.78 -7.34 19.54
C LYS B 16 -27.94 -7.95 20.31
N PHE B 17 -28.04 -7.52 21.57
CA PHE B 17 -29.26 -7.64 22.34
C PHE B 17 -29.94 -6.27 22.33
N GLY B 18 -29.56 -5.41 21.37
CA GLY B 18 -30.07 -4.03 21.32
C GLY B 18 -31.51 -4.01 20.89
N ASN B 19 -32.11 -5.20 20.98
CA ASN B 19 -33.29 -5.63 20.28
C ASN B 19 -34.40 -6.19 21.20
N VAL B 20 -34.06 -6.51 22.44
CA VAL B 20 -35.03 -6.99 23.40
C VAL B 20 -35.35 -5.91 24.45
N TYR B 21 -36.60 -5.93 24.92
CA TYR B 21 -37.14 -4.81 25.65
C TYR B 21 -37.68 -5.32 26.95
N LEU B 22 -37.45 -4.57 28.02
CA LEU B 22 -38.24 -4.85 29.21
C LEU B 22 -39.68 -4.64 28.80
N ALA B 23 -40.56 -5.52 29.28
CA ALA B 23 -41.92 -5.53 28.82
C ALA B 23 -42.77 -6.24 29.87
N ARG B 24 -44.10 -6.17 29.71
CA ARG B 24 -44.99 -6.53 30.79
C ARG B 24 -46.29 -6.99 30.22
N GLU B 25 -46.72 -8.19 30.60
CA GLU B 25 -48.03 -8.67 30.18
C GLU B 25 -49.07 -7.79 30.88
N LYS B 26 -49.99 -7.25 30.10
CA LYS B 26 -50.86 -6.17 30.53
C LYS B 26 -51.90 -6.59 31.59
N GLN B 27 -52.38 -7.83 31.51
CA GLN B 27 -53.45 -8.22 32.40
C GLN B 27 -52.96 -8.71 33.76
N SER B 28 -52.09 -9.72 33.73
CA SER B 28 -51.46 -10.26 34.93
C SER B 28 -50.40 -9.33 35.54
N LYS B 29 -49.89 -8.38 34.77
CA LYS B 29 -48.84 -7.43 35.26
C LYS B 29 -47.43 -8.09 35.46
N PHE B 30 -47.19 -9.16 34.70
CA PHE B 30 -46.03 -9.97 34.83
C PHE B 30 -44.92 -9.49 33.86
N ILE B 31 -43.72 -9.41 34.43
CA ILE B 31 -42.53 -8.87 33.81
C ILE B 31 -41.83 -9.92 32.92
N LEU B 32 -41.71 -9.59 31.64
CA LEU B 32 -41.17 -10.45 30.58
C LEU B 32 -40.15 -9.63 29.80
N ALA B 33 -39.67 -10.19 28.70
CA ALA B 33 -38.85 -9.46 27.71
C ALA B 33 -39.43 -9.69 26.34
N LEU B 34 -39.33 -8.68 25.48
CA LEU B 34 -39.80 -8.78 24.08
C LEU B 34 -38.67 -8.50 23.17
N LYS B 35 -38.31 -9.52 22.38
CA LYS B 35 -37.42 -9.34 21.28
C LYS B 35 -38.24 -9.02 20.05
N VAL B 36 -37.80 -7.99 19.29
CA VAL B 36 -38.48 -7.48 18.11
C VAL B 36 -37.66 -7.64 16.83
N LEU B 37 -38.28 -8.27 15.83
CA LEU B 37 -37.63 -8.46 14.54
C LEU B 37 -38.44 -7.86 13.41
N PHE B 38 -37.73 -7.34 12.42
CA PHE B 38 -38.29 -6.98 11.12
C PHE B 38 -37.94 -8.15 10.21
N LYS B 39 -38.96 -8.53 9.45
CA LYS B 39 -39.02 -9.75 8.65
C LYS B 39 -38.41 -9.58 7.31
N ALA B 40 -37.15 -9.92 7.19
CA ALA B 40 -36.33 -10.04 8.35
C ALA B 40 -35.17 -9.15 8.09
N GLN B 41 -35.26 -8.36 7.06
CA GLN B 41 -35.73 -8.70 5.75
C GLN B 41 -37.16 -8.45 5.41
N GLU B 54 -36.05 -21.54 14.94
CA GLU B 54 -37.21 -21.01 14.22
C GLU B 54 -38.46 -20.81 15.11
N VAL B 55 -38.38 -21.25 16.37
CA VAL B 55 -39.31 -20.89 17.47
C VAL B 55 -40.22 -22.01 17.97
N GLU B 56 -40.61 -22.88 17.04
CA GLU B 56 -41.19 -24.19 17.33
C GLU B 56 -40.59 -24.96 18.55
N ILE B 57 -39.31 -25.33 18.46
CA ILE B 57 -38.67 -26.24 19.42
C ILE B 57 -38.24 -25.61 20.76
N GLN B 58 -37.54 -24.48 20.73
CA GLN B 58 -37.13 -23.74 21.95
C GLN B 58 -38.28 -23.46 22.93
N SER B 59 -39.50 -23.38 22.41
CA SER B 59 -40.69 -23.11 23.23
C SER B 59 -40.98 -24.26 24.18
N HIS B 60 -40.90 -25.47 23.65
CA HIS B 60 -41.32 -26.65 24.40
C HIS B 60 -40.20 -27.22 25.28
N LEU B 61 -39.01 -26.62 25.17
CA LEU B 61 -37.88 -27.04 25.99
C LEU B 61 -37.87 -26.25 27.29
N ARG B 62 -37.91 -26.96 28.42
CA ARG B 62 -37.84 -26.31 29.71
C ARG B 62 -36.74 -26.90 30.58
N HIS B 63 -35.97 -26.01 31.19
CA HIS B 63 -34.86 -26.35 32.06
C HIS B 63 -34.59 -25.09 32.87
N PRO B 64 -34.19 -25.23 34.15
CA PRO B 64 -33.94 -24.04 34.97
C PRO B 64 -32.75 -23.16 34.55
N ASN B 65 -31.73 -23.72 33.90
CA ASN B 65 -30.57 -22.91 33.50
C ASN B 65 -30.65 -22.54 32.01
N ILE B 66 -31.85 -22.62 31.47
CA ILE B 66 -32.11 -22.19 30.12
C ILE B 66 -33.22 -21.13 30.13
N LEU B 67 -33.05 -20.07 29.35
CA LEU B 67 -34.06 -19.05 29.30
C LEU B 67 -35.30 -19.57 28.59
N ARG B 68 -36.46 -19.43 29.21
CA ARG B 68 -37.70 -19.84 28.56
C ARG B 68 -38.11 -18.89 27.44
N LEU B 69 -38.36 -19.45 26.26
CA LEU B 69 -39.12 -18.79 25.25
C LEU B 69 -40.60 -19.05 25.59
N TYR B 70 -41.42 -18.01 25.76
CA TYR B 70 -42.85 -18.18 26.03
C TYR B 70 -43.75 -18.20 24.78
N GLY B 71 -43.42 -17.40 23.79
CA GLY B 71 -44.18 -17.40 22.54
C GLY B 71 -43.72 -16.38 21.51
N TYR B 72 -44.43 -16.36 20.41
CA TYR B 72 -44.07 -15.54 19.29
C TYR B 72 -45.37 -15.16 18.62
N PHE B 73 -45.37 -14.04 17.90
CA PHE B 73 -46.53 -13.52 17.19
C PHE B 73 -45.99 -12.47 16.26
N HIS B 74 -46.74 -12.17 15.21
CA HIS B 74 -46.33 -11.16 14.24
C HIS B 74 -47.51 -10.39 13.76
N ASP B 75 -47.24 -9.22 13.23
CA ASP B 75 -48.24 -8.41 12.59
C ASP B 75 -47.85 -8.28 11.11
N ALA B 76 -48.22 -7.18 10.44
CA ALA B 76 -47.93 -7.02 9.01
C ALA B 76 -46.46 -6.89 8.67
N THR B 77 -45.64 -6.47 9.64
CA THR B 77 -44.25 -6.03 9.37
C THR B 77 -43.15 -6.67 10.23
N ARG B 78 -43.52 -7.13 11.42
CA ARG B 78 -42.55 -7.53 12.41
C ARG B 78 -42.95 -8.78 13.16
N VAL B 79 -41.91 -9.43 13.69
CA VAL B 79 -42.03 -10.56 14.59
C VAL B 79 -41.60 -10.24 16.02
N TYR B 80 -42.35 -10.77 16.99
CA TYR B 80 -42.08 -10.54 18.41
C TYR B 80 -41.95 -11.84 19.19
N LEU B 81 -40.80 -11.99 19.83
CA LEU B 81 -40.47 -13.13 20.68
C LEU B 81 -40.67 -12.78 22.14
N ILE B 82 -41.43 -13.62 22.85
CA ILE B 82 -41.75 -13.36 24.25
C ILE B 82 -40.87 -14.23 25.13
N LEU B 83 -39.98 -13.58 25.90
CA LEU B 83 -38.89 -14.24 26.61
C LEU B 83 -38.93 -13.95 28.10
N GLU B 84 -38.39 -14.89 28.89
CA GLU B 84 -38.11 -14.65 30.32
C GLU B 84 -37.19 -13.44 30.53
N TYR B 85 -37.54 -12.66 31.53
CA TYR B 85 -36.69 -11.62 32.00
C TYR B 85 -35.77 -12.17 33.07
N ALA B 86 -34.47 -11.87 32.92
CA ALA B 86 -33.47 -12.21 33.91
C ALA B 86 -33.09 -10.95 34.69
N PRO B 87 -33.57 -10.87 35.94
CA PRO B 87 -33.45 -9.66 36.79
C PRO B 87 -32.03 -9.14 37.00
N LEU B 88 -31.04 -10.04 37.13
CA LEU B 88 -29.69 -9.63 37.53
C LEU B 88 -28.71 -9.37 36.40
N GLY B 89 -29.20 -9.36 35.17
CA GLY B 89 -28.38 -9.03 34.02
C GLY B 89 -27.51 -10.16 33.50
N THR B 90 -26.42 -9.79 32.87
CA THR B 90 -25.52 -10.71 32.24
C THR B 90 -24.38 -11.07 33.17
N VAL B 91 -23.88 -12.30 33.00
CA VAL B 91 -22.65 -12.76 33.63
C VAL B 91 -21.50 -11.83 33.27
N TYR B 92 -21.38 -11.54 31.99
CA TYR B 92 -20.45 -10.50 31.52
C TYR B 92 -20.38 -9.29 32.48
N ARG B 93 -21.53 -8.72 32.81
CA ARG B 93 -21.58 -7.47 33.52
C ARG B 93 -21.09 -7.69 34.94
N GLU B 94 -21.48 -8.80 35.56
CA GLU B 94 -20.94 -9.07 36.89
C GLU B 94 -19.44 -9.32 36.92
N LEU B 95 -18.89 -9.80 35.79
CA LEU B 95 -17.44 -9.94 35.61
C LEU B 95 -16.74 -8.60 35.46
N GLN B 96 -17.36 -7.64 34.76
CA GLN B 96 -16.80 -6.29 34.69
C GLN B 96 -16.85 -5.55 36.05
N LYS B 97 -17.71 -6.00 36.96
CA LYS B 97 -17.75 -5.38 38.27
C LYS B 97 -16.76 -6.03 39.22
N LEU B 98 -16.97 -7.33 39.48
CA LEU B 98 -16.13 -8.16 40.37
C LEU B 98 -14.68 -8.45 39.89
N SER B 99 -14.25 -7.84 38.80
CA SER B 99 -13.00 -8.23 38.14
C SER B 99 -12.92 -9.75 37.81
N LYS B 100 -13.11 -10.60 38.82
CA LYS B 100 -13.04 -12.05 38.67
C LYS B 100 -13.85 -12.75 39.76
N PHE B 101 -14.19 -14.03 39.57
CA PHE B 101 -15.09 -14.73 40.49
C PHE B 101 -14.37 -15.73 41.41
N ASP B 102 -14.71 -15.71 42.68
CA ASP B 102 -14.17 -16.71 43.59
C ASP B 102 -14.55 -18.14 43.13
N GLU B 103 -13.80 -19.13 43.61
CA GLU B 103 -14.00 -20.50 43.16
C GLU B 103 -15.42 -21.00 43.31
N GLN B 104 -16.09 -20.59 44.38
CA GLN B 104 -17.45 -21.08 44.66
C GLN B 104 -18.40 -20.61 43.56
N ARG B 105 -18.35 -19.30 43.33
CA ARG B 105 -19.13 -18.65 42.32
C ARG B 105 -18.93 -19.36 40.98
N THR B 106 -17.68 -19.49 40.55
CA THR B 106 -17.46 -20.07 39.23
C THR B 106 -17.83 -21.53 39.15
N ALA B 107 -17.38 -22.28 40.15
CA ALA B 107 -17.73 -23.67 40.32
C ALA B 107 -19.21 -23.90 40.08
N THR B 108 -20.07 -23.12 40.74
CA THR B 108 -21.53 -23.32 40.56
C THR B 108 -21.99 -22.95 39.14
N TYR B 109 -21.44 -21.87 38.59
CA TYR B 109 -21.77 -21.52 37.20
C TYR B 109 -21.57 -22.67 36.27
N ILE B 110 -20.46 -23.40 36.47
CA ILE B 110 -20.04 -24.42 35.47
C ILE B 110 -20.97 -25.62 35.47
N THR B 111 -21.28 -26.10 36.67
CA THR B 111 -22.22 -27.20 36.77
C THR B 111 -23.57 -26.81 36.14
N GLU B 112 -24.04 -25.60 36.43
CA GLU B 112 -25.34 -25.16 35.86
C GLU B 112 -25.26 -25.21 34.36
N LEU B 113 -24.14 -24.71 33.86
CA LEU B 113 -23.91 -24.64 32.43
C LEU B 113 -23.79 -26.03 31.85
N ALA B 114 -23.02 -26.90 32.52
CA ALA B 114 -22.92 -28.32 32.14
C ALA B 114 -24.29 -28.94 32.15
N ASN B 115 -25.04 -28.66 33.21
CA ASN B 115 -26.43 -29.06 33.26
C ASN B 115 -27.25 -28.60 32.06
N ALA B 116 -27.13 -27.32 31.68
CA ALA B 116 -27.85 -26.81 30.51
C ALA B 116 -27.44 -27.44 29.17
N LEU B 117 -26.14 -27.65 28.96
CA LEU B 117 -25.66 -28.22 27.69
C LEU B 117 -26.01 -29.70 27.58
N SER B 118 -26.00 -30.40 28.74
CA SER B 118 -26.35 -31.81 28.80
C SER B 118 -27.82 -32.04 28.49
N TYR B 119 -28.68 -31.19 29.03
CA TYR B 119 -30.09 -31.12 28.62
C TYR B 119 -30.21 -30.83 27.14
N CYS B 120 -29.38 -29.94 26.61
CA CYS B 120 -29.27 -29.76 25.16
C CYS B 120 -28.65 -30.99 24.46
N LYS B 131 -20.40 -17.82 25.90
CA LYS B 131 -19.83 -16.47 25.99
C LYS B 131 -20.53 -15.65 27.06
N PRO B 132 -19.78 -15.04 27.98
CA PRO B 132 -20.36 -14.29 29.07
C PRO B 132 -21.45 -13.29 28.69
N GLU B 133 -21.29 -12.60 27.55
CA GLU B 133 -22.33 -11.75 26.95
C GLU B 133 -23.69 -12.44 26.82
N ASN B 134 -23.69 -13.76 26.59
CA ASN B 134 -24.94 -14.47 26.37
C ASN B 134 -25.48 -15.20 27.57
N LEU B 135 -24.94 -14.93 28.75
CA LEU B 135 -25.31 -15.64 29.97
C LEU B 135 -26.01 -14.75 31.02
N LEU B 136 -27.29 -15.02 31.23
CA LEU B 136 -28.12 -14.16 32.05
C LEU B 136 -28.18 -14.67 33.45
N LEU B 137 -28.44 -13.75 34.39
CA LEU B 137 -28.61 -14.18 35.79
C LEU B 137 -30.04 -14.11 36.27
N GLY B 138 -30.46 -15.14 37.00
CA GLY B 138 -31.83 -15.21 37.50
C GLY B 138 -32.01 -14.59 38.85
N SER B 139 -33.24 -14.67 39.37
CA SER B 139 -33.65 -13.98 40.62
C SER B 139 -32.74 -14.34 41.77
N ALA B 140 -32.33 -15.60 41.78
CA ALA B 140 -31.43 -16.08 42.81
C ALA B 140 -29.98 -16.32 42.32
N GLY B 141 -29.50 -15.45 41.41
CA GLY B 141 -28.14 -15.53 40.83
C GLY B 141 -27.76 -16.83 40.11
N GLU B 142 -28.77 -17.54 39.61
CA GLU B 142 -28.62 -18.74 38.82
C GLU B 142 -28.42 -18.32 37.38
N LEU B 143 -27.43 -18.96 36.73
CA LEU B 143 -27.05 -18.68 35.35
C LEU B 143 -28.07 -19.30 34.40
N LYS B 144 -28.25 -18.66 33.25
CA LYS B 144 -29.14 -19.16 32.19
C LYS B 144 -28.58 -18.85 30.81
N ILE B 145 -28.56 -19.83 29.93
CA ILE B 145 -28.11 -19.60 28.56
C ILE B 145 -29.17 -18.91 27.69
N ALA B 146 -28.70 -18.01 26.81
CA ALA B 146 -29.44 -17.56 25.60
C ALA B 146 -28.67 -17.86 24.27
N ASP B 147 -29.44 -18.03 23.19
CA ASP B 147 -28.94 -18.38 21.84
C ASP B 147 -28.72 -19.87 21.63
N THR B 165 -15.61 -13.16 18.32
CA THR B 165 -15.13 -14.12 17.31
C THR B 165 -14.34 -15.30 17.91
N LEU B 166 -13.01 -15.24 17.80
CA LEU B 166 -12.10 -16.35 18.12
C LEU B 166 -12.06 -16.78 19.60
N ASP B 167 -11.98 -15.81 20.50
CA ASP B 167 -11.75 -16.11 21.93
C ASP B 167 -12.34 -17.38 22.51
N TYR B 168 -13.60 -17.68 22.17
CA TYR B 168 -14.28 -18.89 22.63
C TYR B 168 -14.34 -20.02 21.62
N LEU B 169 -13.78 -19.81 20.43
CA LEU B 169 -13.77 -20.81 19.36
C LEU B 169 -12.59 -21.79 19.47
N PRO B 170 -12.90 -23.10 19.42
CA PRO B 170 -11.92 -24.18 19.57
C PRO B 170 -11.05 -24.25 18.32
N PRO B 171 -9.88 -24.95 18.38
CA PRO B 171 -9.04 -25.02 17.19
C PRO B 171 -9.73 -25.67 16.00
N GLU B 172 -10.52 -26.72 16.22
CA GLU B 172 -11.24 -27.36 15.12
C GLU B 172 -12.13 -26.37 14.35
N MET B 173 -12.79 -25.45 15.06
CA MET B 173 -13.69 -24.46 14.43
C MET B 173 -12.96 -23.34 13.64
N ILE B 174 -11.70 -23.05 13.98
CA ILE B 174 -10.93 -22.03 13.26
C ILE B 174 -9.86 -22.57 12.32
N GLU B 175 -9.51 -23.86 12.45
CA GLU B 175 -8.47 -24.48 11.61
C GLU B 175 -9.07 -24.85 10.25
N VAL B 183 -16.59 -29.40 21.84
CA VAL B 183 -16.73 -28.04 21.32
C VAL B 183 -17.33 -27.09 22.36
N ASP B 184 -18.47 -27.48 22.92
CA ASP B 184 -19.03 -26.75 24.05
C ASP B 184 -18.34 -27.22 25.32
N LEU B 185 -17.48 -28.23 25.20
CA LEU B 185 -16.58 -28.61 26.28
C LEU B 185 -15.39 -27.63 26.33
N TRP B 186 -14.69 -27.47 25.21
CA TRP B 186 -13.73 -26.35 24.99
C TRP B 186 -14.28 -25.05 25.63
N SER B 187 -15.39 -24.54 25.07
CA SER B 187 -15.99 -23.28 25.49
C SER B 187 -16.22 -23.20 27.00
N LEU B 188 -16.51 -24.34 27.61
CA LEU B 188 -16.69 -24.41 29.05
C LEU B 188 -15.38 -24.10 29.78
N GLY B 189 -14.26 -24.60 29.25
CA GLY B 189 -12.97 -24.39 29.85
C GLY B 189 -12.42 -22.98 29.59
N VAL B 190 -12.81 -22.39 28.47
CA VAL B 190 -12.56 -20.96 28.22
C VAL B 190 -13.32 -20.10 29.25
N LEU B 191 -14.59 -20.45 29.48
CA LEU B 191 -15.43 -19.78 30.46
C LEU B 191 -14.90 -19.97 31.89
N CYS B 192 -14.76 -21.23 32.32
CA CYS B 192 -14.10 -21.49 33.62
C CYS B 192 -12.75 -20.71 33.80
N TYR B 193 -11.94 -20.58 32.77
CA TYR B 193 -10.71 -19.82 32.91
C TYR B 193 -11.04 -18.34 33.12
N GLU B 194 -11.81 -17.75 32.19
CA GLU B 194 -12.15 -16.34 32.25
C GLU B 194 -12.84 -15.96 33.54
N PHE B 195 -13.78 -16.77 34.02
CA PHE B 195 -14.35 -16.51 35.34
C PHE B 195 -13.29 -16.41 36.39
N LEU B 196 -12.30 -17.33 36.43
CA LEU B 196 -11.40 -17.33 37.62
C LEU B 196 -10.32 -16.26 37.53
N VAL B 197 -10.11 -15.77 36.32
CA VAL B 197 -8.99 -14.90 36.05
C VAL B 197 -9.37 -13.53 35.59
N GLY B 198 -10.47 -13.40 34.87
CA GLY B 198 -10.93 -12.08 34.45
C GLY B 198 -10.71 -11.76 32.98
N LYS B 199 -10.03 -12.65 32.26
CA LYS B 199 -9.87 -12.51 30.80
C LYS B 199 -9.76 -13.91 30.24
N PRO B 200 -10.11 -14.09 28.95
CA PRO B 200 -10.00 -15.41 28.33
C PRO B 200 -8.55 -15.86 28.15
N PRO B 201 -8.31 -17.18 28.07
CA PRO B 201 -6.96 -17.66 28.28
C PRO B 201 -6.02 -17.34 27.16
N PHE B 202 -6.59 -17.05 26.00
CA PHE B 202 -5.83 -16.84 24.77
C PHE B 202 -5.75 -15.43 24.25
N GLU B 203 -6.10 -14.44 25.07
CA GLU B 203 -6.22 -13.04 24.60
C GLU B 203 -4.93 -12.48 24.05
N ALA B 204 -5.05 -11.76 22.93
CA ALA B 204 -3.93 -11.24 22.17
C ALA B 204 -4.33 -9.98 21.41
N ASN B 205 -3.33 -9.20 20.97
CA ASN B 205 -3.52 -7.89 20.31
C ASN B 205 -4.29 -7.98 19.01
N THR B 206 -3.98 -9.02 18.22
CA THR B 206 -4.45 -9.14 16.83
C THR B 206 -5.11 -10.52 16.54
N TYR B 207 -6.02 -10.57 15.58
CA TYR B 207 -6.74 -11.78 15.17
C TYR B 207 -5.77 -12.92 14.80
N GLN B 208 -4.71 -12.59 14.06
CA GLN B 208 -3.73 -13.58 13.63
C GLN B 208 -3.15 -14.32 14.83
N TYR B 211 -5.51 -16.38 17.24
CA TYR B 211 -5.62 -17.48 16.26
C TYR B 211 -4.54 -18.55 16.46
N LYS B 212 -3.28 -18.10 16.49
CA LYS B 212 -2.15 -19.00 16.63
C LYS B 212 -2.13 -19.51 18.04
N ARG B 213 -2.40 -18.63 18.99
CA ARG B 213 -2.47 -19.03 20.39
C ARG B 213 -3.44 -20.18 20.60
N ILE B 214 -4.64 -20.08 20.03
CA ILE B 214 -5.72 -21.07 20.18
C ILE B 214 -5.34 -22.43 19.55
N SER B 215 -4.96 -22.40 18.28
CA SER B 215 -4.51 -23.59 17.53
C SER B 215 -3.26 -24.28 18.10
N ARG B 216 -2.41 -23.56 18.83
CA ARG B 216 -1.26 -24.17 19.52
C ARG B 216 -1.56 -24.34 21.03
N VAL B 217 -2.74 -23.91 21.45
CA VAL B 217 -3.14 -23.99 22.86
C VAL B 217 -2.17 -23.29 23.82
N GLU B 218 -1.51 -22.22 23.39
CA GLU B 218 -0.58 -21.55 24.26
C GLU B 218 -1.34 -20.65 25.22
N PHE B 219 -1.33 -21.03 26.51
CA PHE B 219 -1.93 -20.25 27.60
C PHE B 219 -1.34 -20.69 28.93
N THR B 220 -1.52 -19.86 29.96
CA THR B 220 -0.86 -20.13 31.22
C THR B 220 -1.73 -19.68 32.33
N PHE B 221 -1.34 -20.02 33.55
CA PHE B 221 -2.15 -19.70 34.71
C PHE B 221 -1.42 -18.73 35.62
N PRO B 222 -2.12 -17.70 36.10
CA PRO B 222 -1.52 -16.86 37.16
C PRO B 222 -1.52 -17.69 38.45
N ASP B 223 -0.54 -17.51 39.34
CA ASP B 223 -0.56 -18.34 40.54
C ASP B 223 -1.49 -17.80 41.59
N PHE B 224 -2.77 -18.07 41.39
CA PHE B 224 -3.72 -18.17 42.46
C PHE B 224 -4.68 -19.30 42.11
N VAL B 225 -4.76 -19.65 40.85
CA VAL B 225 -5.68 -20.71 40.48
C VAL B 225 -5.12 -22.08 40.85
N THR B 226 -5.89 -22.84 41.62
CA THR B 226 -5.42 -24.08 42.20
C THR B 226 -5.27 -25.13 41.14
N GLU B 227 -4.71 -26.27 41.58
CA GLU B 227 -4.57 -27.50 40.80
C GLU B 227 -5.92 -28.06 40.37
N GLY B 228 -6.92 -27.93 41.23
CA GLY B 228 -8.24 -28.44 40.91
C GLY B 228 -8.79 -27.74 39.67
N ALA B 229 -8.81 -26.41 39.76
CA ALA B 229 -9.19 -25.54 38.65
C ALA B 229 -8.32 -25.87 37.45
N ARG B 230 -7.02 -25.90 37.74
CA ARG B 230 -5.99 -26.05 36.72
C ARG B 230 -6.19 -27.24 35.80
N ASP B 231 -6.51 -28.42 36.33
CA ASP B 231 -6.62 -29.64 35.48
C ASP B 231 -8.00 -29.86 34.86
N LEU B 232 -9.04 -29.41 35.55
CA LEU B 232 -10.34 -29.26 34.89
C LEU B 232 -10.18 -28.37 33.62
N ILE B 233 -9.61 -27.17 33.78
CA ILE B 233 -9.43 -26.27 32.65
C ILE B 233 -8.57 -26.92 31.57
N SER B 234 -7.45 -27.51 31.98
CA SER B 234 -6.51 -28.18 31.02
C SER B 234 -7.06 -29.45 30.35
N ARG B 235 -7.94 -30.17 31.03
CA ARG B 235 -8.63 -31.30 30.41
C ARG B 235 -9.53 -30.76 29.34
N LEU B 236 -10.28 -29.72 29.69
CA LEU B 236 -11.20 -29.07 28.76
C LEU B 236 -10.51 -28.45 27.53
N LEU B 237 -9.36 -27.78 27.74
CA LEU B 237 -8.63 -27.12 26.67
C LEU B 237 -7.55 -28.03 26.03
N LYS B 238 -8.00 -29.22 25.60
CA LYS B 238 -7.18 -30.19 24.82
C LYS B 238 -7.38 -29.96 23.29
N HIS B 239 -6.31 -30.09 22.49
CA HIS B 239 -6.37 -29.67 21.09
C HIS B 239 -7.30 -30.51 20.20
N ASN B 240 -7.22 -31.83 20.33
CA ASN B 240 -8.20 -32.68 19.65
C ASN B 240 -9.39 -32.89 20.59
N PRO B 241 -10.61 -32.86 20.04
CA PRO B 241 -11.78 -33.09 20.87
C PRO B 241 -11.71 -34.39 21.68
N HIS B 253 -16.38 -33.87 38.61
CA HIS B 253 -14.98 -33.50 38.83
C HIS B 253 -14.81 -32.99 40.24
N PRO B 254 -13.72 -33.43 40.91
CA PRO B 254 -13.49 -33.14 42.31
C PRO B 254 -13.43 -31.67 42.64
N TRP B 255 -12.99 -30.83 41.72
CA TRP B 255 -12.87 -29.39 42.03
C TRP B 255 -14.24 -28.77 41.96
N ILE B 256 -15.05 -29.31 41.04
CA ILE B 256 -16.38 -28.83 40.77
C ILE B 256 -17.36 -29.30 41.87
N THR B 257 -17.39 -30.60 42.16
CA THR B 257 -18.11 -31.10 43.33
C THR B 257 -17.39 -30.54 44.54
N ALA B 258 -18.14 -30.04 45.52
CA ALA B 258 -17.51 -29.49 46.73
C ALA B 258 -16.78 -28.15 46.58
N ASN B 259 -16.86 -27.49 45.41
CA ASN B 259 -16.66 -26.03 45.36
C ASN B 259 -17.96 -25.28 45.04
N SER B 260 -18.90 -26.00 44.44
CA SER B 260 -20.18 -25.48 43.93
C SER B 260 -21.27 -25.00 44.94
N SER B 261 -22.36 -25.75 45.06
CA SER B 261 -23.65 -25.13 45.40
C SER B 261 -23.70 -24.28 46.66
N TRP C 1 22.57 -28.79 -11.25
CA TRP C 1 23.11 -27.92 -12.33
C TRP C 1 24.31 -27.20 -11.76
N ALA C 2 25.29 -26.96 -12.61
CA ALA C 2 26.44 -26.19 -12.21
C ALA C 2 26.93 -25.37 -13.41
N LEU C 3 27.66 -24.30 -13.11
CA LEU C 3 28.16 -23.33 -14.09
C LEU C 3 28.99 -24.00 -15.19
N GLU C 4 29.68 -25.07 -14.84
CA GLU C 4 30.62 -25.71 -15.74
C GLU C 4 29.91 -26.59 -16.76
N ASP C 5 28.59 -26.71 -16.61
CA ASP C 5 27.76 -27.33 -17.64
C ASP C 5 27.29 -26.36 -18.75
N PHE C 6 27.69 -25.08 -18.71
CA PHE C 6 27.27 -24.15 -19.76
C PHE C 6 28.42 -23.48 -20.54
N GLU C 7 28.24 -23.35 -21.85
CA GLU C 7 29.12 -22.50 -22.63
C GLU C 7 28.48 -21.14 -22.64
N ILE C 8 29.28 -20.11 -22.41
CA ILE C 8 28.85 -18.71 -22.34
C ILE C 8 29.21 -17.98 -23.61
N GLY C 9 28.26 -17.23 -24.16
CA GLY C 9 28.54 -16.32 -25.26
C GLY C 9 28.49 -14.82 -24.83
N ARG C 10 27.96 -14.00 -25.72
CA ARG C 10 27.83 -12.58 -25.54
C ARG C 10 26.75 -12.18 -24.56
N PRO C 11 26.96 -11.01 -23.90
CA PRO C 11 25.84 -10.41 -23.16
C PRO C 11 24.73 -10.18 -24.17
N LEU C 12 23.51 -10.51 -23.79
CA LEU C 12 22.40 -10.47 -24.71
C LEU C 12 21.61 -9.18 -24.62
N GLY C 13 21.54 -8.62 -23.41
CA GLY C 13 20.75 -7.44 -23.17
C GLY C 13 21.57 -6.17 -23.08
N LYS C 14 22.84 -6.29 -22.74
CA LYS C 14 23.69 -5.09 -22.60
C LYS C 14 22.91 -3.79 -22.25
N GLY C 15 22.05 -3.87 -21.21
CA GLY C 15 21.26 -2.73 -20.71
C GLY C 15 20.17 -3.09 -19.71
N LYS C 16 20.59 -3.59 -18.54
CA LYS C 16 19.69 -3.99 -17.43
C LYS C 16 18.99 -5.36 -17.62
N PHE C 17 19.08 -5.86 -18.85
CA PHE C 17 19.21 -7.28 -19.10
C PHE C 17 20.70 -7.50 -19.35
N GLY C 18 21.51 -6.63 -18.74
CA GLY C 18 22.96 -6.68 -18.89
C GLY C 18 23.64 -7.83 -18.15
N ASN C 19 22.88 -8.59 -17.35
CA ASN C 19 23.43 -9.77 -16.69
C ASN C 19 22.89 -11.07 -17.26
N VAL C 20 22.32 -11.02 -18.45
CA VAL C 20 21.94 -12.25 -19.09
C VAL C 20 22.78 -12.48 -20.33
N TYR C 21 23.20 -13.72 -20.49
CA TYR C 21 24.24 -14.09 -21.45
C TYR C 21 23.69 -15.16 -22.33
N LEU C 22 24.06 -15.10 -23.61
CA LEU C 22 23.83 -16.25 -24.48
C LEU C 22 24.61 -17.43 -23.88
N ALA C 23 24.02 -18.62 -23.88
CA ALA C 23 24.66 -19.72 -23.28
C ALA C 23 24.22 -21.02 -23.93
N ARG C 24 24.88 -22.12 -23.57
CA ARG C 24 24.64 -23.39 -24.23
C ARG C 24 24.92 -24.52 -23.28
N GLU C 25 23.91 -25.37 -23.11
CA GLU C 25 24.08 -26.58 -22.33
C GLU C 25 25.12 -27.49 -23.01
N LYS C 26 26.17 -27.83 -22.28
CA LYS C 26 27.35 -28.46 -22.90
C LYS C 26 27.14 -29.86 -23.51
N GLN C 27 26.24 -30.65 -22.94
CA GLN C 27 26.12 -31.99 -23.42
C GLN C 27 25.24 -32.09 -24.61
N SER C 28 24.05 -31.51 -24.52
CA SER C 28 23.10 -31.53 -25.62
C SER C 28 23.31 -30.46 -26.67
N LYS C 29 24.07 -29.41 -26.36
CA LYS C 29 24.38 -28.34 -27.34
C LYS C 29 23.21 -27.33 -27.57
N PHE C 30 22.23 -27.39 -26.69
CA PHE C 30 21.11 -26.52 -26.73
C PHE C 30 21.37 -25.08 -26.20
N ILE C 31 21.02 -24.13 -27.08
CA ILE C 31 21.09 -22.72 -26.85
C ILE C 31 19.95 -22.30 -25.91
N LEU C 32 20.28 -21.41 -24.97
CA LEU C 32 19.53 -21.15 -23.76
C LEU C 32 20.06 -19.78 -23.27
N ALA C 33 19.59 -19.27 -22.14
CA ALA C 33 20.14 -17.99 -21.62
C ALA C 33 20.40 -18.11 -20.15
N LEU C 34 21.44 -17.42 -19.68
CA LEU C 34 21.86 -17.53 -18.30
C LEU C 34 21.95 -16.13 -17.71
N LYS C 35 21.19 -15.92 -16.65
CA LYS C 35 21.19 -14.68 -15.94
C LYS C 35 21.98 -14.91 -14.69
N VAL C 36 22.92 -13.99 -14.40
CA VAL C 36 23.73 -14.14 -13.21
C VAL C 36 23.55 -13.00 -12.20
N LEU C 37 23.44 -13.41 -10.94
CA LEU C 37 23.29 -12.52 -9.81
C LEU C 37 24.34 -12.81 -8.70
N PHE C 38 24.82 -11.76 -8.05
CA PHE C 38 25.69 -11.90 -6.89
C PHE C 38 24.80 -12.07 -5.69
N LYS C 39 24.96 -13.17 -4.96
CA LYS C 39 24.15 -13.45 -3.72
C LYS C 39 24.00 -12.26 -2.76
N ALA C 40 25.11 -11.62 -2.35
CA ALA C 40 25.06 -10.36 -1.60
C ALA C 40 24.14 -9.42 -2.39
N GLN C 41 22.84 -9.52 -2.12
CA GLN C 41 21.75 -9.06 -3.00
C GLN C 41 22.16 -7.87 -3.88
N GLU C 54 8.31 -15.52 -7.71
CA GLU C 54 9.75 -15.76 -7.87
C GLU C 54 10.13 -17.19 -8.37
N VAL C 55 11.36 -17.61 -8.10
CA VAL C 55 12.00 -18.74 -8.82
C VAL C 55 11.26 -20.10 -8.78
N GLU C 56 10.72 -20.41 -7.60
CA GLU C 56 9.96 -21.63 -7.31
C GLU C 56 8.71 -21.84 -8.18
N ILE C 57 7.88 -20.81 -8.24
CA ILE C 57 6.58 -20.87 -8.91
C ILE C 57 6.68 -20.63 -10.41
N GLN C 58 7.59 -19.75 -10.81
CA GLN C 58 7.71 -19.30 -12.21
C GLN C 58 8.32 -20.39 -13.09
N SER C 59 9.02 -21.33 -12.44
CA SER C 59 9.56 -22.50 -13.12
C SER C 59 8.43 -23.35 -13.66
N HIS C 60 7.50 -23.73 -12.79
CA HIS C 60 6.46 -24.68 -13.14
C HIS C 60 5.30 -24.02 -13.89
N LEU C 61 5.43 -22.73 -14.12
CA LEU C 61 4.64 -22.05 -15.13
C LEU C 61 4.96 -22.73 -16.46
N ARG C 62 4.01 -22.75 -17.38
CA ARG C 62 4.31 -23.08 -18.76
C ARG C 62 3.19 -22.60 -19.68
N HIS C 63 3.55 -21.72 -20.61
CA HIS C 63 2.62 -21.10 -21.56
C HIS C 63 3.48 -20.66 -22.73
N PRO C 64 2.98 -20.74 -23.98
CA PRO C 64 3.78 -20.36 -25.17
C PRO C 64 4.10 -18.87 -25.33
N ASN C 65 3.40 -17.98 -24.64
CA ASN C 65 3.73 -16.54 -24.75
C ASN C 65 4.39 -16.04 -23.47
N ILE C 66 4.89 -17.01 -22.70
CA ILE C 66 5.70 -16.75 -21.54
C ILE C 66 7.02 -17.50 -21.69
N LEU C 67 8.10 -16.79 -21.39
CA LEU C 67 9.44 -17.33 -21.45
C LEU C 67 9.64 -18.39 -20.35
N ARG C 68 10.11 -19.58 -20.72
CA ARG C 68 10.27 -20.64 -19.73
C ARG C 68 11.45 -20.36 -18.79
N LEU C 69 11.28 -20.68 -17.51
CA LEU C 69 12.41 -20.69 -16.58
C LEU C 69 12.77 -22.15 -16.32
N TYR C 70 13.98 -22.58 -16.70
CA TYR C 70 14.34 -24.00 -16.65
C TYR C 70 14.89 -24.45 -15.30
N GLY C 71 15.46 -23.51 -14.55
CA GLY C 71 15.89 -23.76 -13.19
C GLY C 71 16.95 -22.77 -12.73
N TYR C 72 17.51 -23.04 -11.56
CA TYR C 72 18.45 -22.15 -10.97
C TYR C 72 19.55 -22.93 -10.25
N PHE C 73 20.55 -22.24 -9.72
CA PHE C 73 21.68 -22.90 -9.05
C PHE C 73 22.64 -21.83 -8.60
N HIS C 74 23.50 -22.16 -7.65
CA HIS C 74 24.43 -21.24 -7.06
C HIS C 74 25.74 -21.88 -6.66
N ASP C 75 26.79 -21.07 -6.56
CA ASP C 75 28.04 -21.49 -5.98
C ASP C 75 28.24 -20.66 -4.70
N ALA C 76 29.48 -20.45 -4.26
CA ALA C 76 29.68 -19.66 -3.06
C ALA C 76 29.26 -18.18 -3.16
N THR C 77 29.26 -17.60 -4.37
CA THR C 77 29.13 -16.15 -4.49
C THR C 77 27.98 -15.69 -5.38
N ARG C 78 27.47 -16.60 -6.23
CA ARG C 78 26.51 -16.23 -7.28
C ARG C 78 25.34 -17.19 -7.48
N VAL C 79 24.25 -16.61 -7.99
CA VAL C 79 23.09 -17.31 -8.44
C VAL C 79 22.95 -17.20 -9.97
N TYR C 80 22.65 -18.34 -10.60
CA TYR C 80 22.46 -18.46 -12.05
C TYR C 80 21.07 -18.92 -12.38
N LEU C 81 20.42 -18.25 -13.32
CA LEU C 81 19.05 -18.55 -13.71
C LEU C 81 19.09 -19.03 -15.14
N ILE C 82 18.55 -20.21 -15.38
CA ILE C 82 18.61 -20.79 -16.73
C ILE C 82 17.29 -20.46 -17.40
N LEU C 83 17.33 -19.75 -18.52
CA LEU C 83 16.13 -19.17 -19.12
C LEU C 83 16.10 -19.52 -20.58
N GLU C 84 14.89 -19.61 -21.14
CA GLU C 84 14.75 -19.75 -22.61
C GLU C 84 15.41 -18.59 -23.34
N TYR C 85 16.05 -18.91 -24.45
CA TYR C 85 16.59 -17.95 -25.40
C TYR C 85 15.52 -17.64 -26.37
N ALA C 86 15.39 -16.34 -26.69
CA ALA C 86 14.44 -15.86 -27.69
C ALA C 86 15.24 -15.34 -28.90
N PRO C 87 15.22 -16.11 -30.00
CA PRO C 87 16.11 -15.87 -31.14
C PRO C 87 16.00 -14.49 -31.76
N LEU C 88 14.77 -13.99 -31.86
CA LEU C 88 14.49 -12.77 -32.63
C LEU C 88 14.54 -11.46 -31.87
N GLY C 89 14.96 -11.50 -30.61
CA GLY C 89 15.19 -10.29 -29.83
C GLY C 89 13.99 -9.66 -29.15
N THR C 90 14.15 -8.42 -28.72
CA THR C 90 13.04 -7.71 -28.11
C THR C 90 12.12 -7.10 -29.17
N VAL C 91 10.83 -7.03 -28.82
CA VAL C 91 9.81 -6.29 -29.56
C VAL C 91 10.26 -4.86 -29.74
N TYR C 92 10.75 -4.26 -28.67
CA TYR C 92 11.30 -2.93 -28.76
C TYR C 92 12.22 -2.76 -29.95
N ARG C 93 13.18 -3.66 -30.10
CA ARG C 93 14.12 -3.56 -31.20
C ARG C 93 13.43 -3.69 -32.56
N GLU C 94 12.38 -4.49 -32.69
CA GLU C 94 11.63 -4.46 -33.96
C GLU C 94 10.97 -3.09 -34.19
N LEU C 95 10.55 -2.45 -33.10
CA LEU C 95 9.88 -1.15 -33.18
C LEU C 95 10.81 -0.06 -33.74
N GLN C 96 12.03 0.03 -33.20
CA GLN C 96 13.09 0.87 -33.80
C GLN C 96 13.45 0.46 -35.25
N LYS C 97 13.24 -0.81 -35.59
CA LYS C 97 13.46 -1.28 -36.96
C LYS C 97 12.39 -0.64 -37.82
N LEU C 98 11.15 -1.14 -37.65
CA LEU C 98 10.01 -0.86 -38.51
C LEU C 98 9.27 0.47 -38.25
N SER C 99 9.86 1.38 -37.48
CA SER C 99 9.16 2.59 -37.05
C SER C 99 7.85 2.29 -36.27
N LYS C 100 6.95 1.51 -36.89
CA LYS C 100 5.71 1.04 -36.30
C LYS C 100 5.19 -0.20 -37.01
N PHE C 101 4.15 -0.79 -36.45
CA PHE C 101 3.63 -2.06 -36.92
C PHE C 101 2.28 -1.91 -37.60
N ASP C 102 2.12 -2.57 -38.73
CA ASP C 102 0.80 -2.65 -39.31
C ASP C 102 -0.19 -3.31 -38.30
N GLU C 103 -1.48 -3.28 -38.65
CA GLU C 103 -2.55 -3.74 -37.76
C GLU C 103 -2.54 -5.25 -37.46
N GLN C 104 -2.13 -6.04 -38.45
CA GLN C 104 -2.14 -7.49 -38.31
C GLN C 104 -1.10 -7.88 -37.28
N ARG C 105 0.05 -7.25 -37.37
CA ARG C 105 1.16 -7.54 -36.49
C ARG C 105 0.80 -7.19 -35.03
N THR C 106 0.18 -6.01 -34.85
CA THR C 106 -0.25 -5.51 -33.54
C THR C 106 -1.36 -6.39 -32.99
N ALA C 107 -2.41 -6.55 -33.78
CA ALA C 107 -3.57 -7.32 -33.34
C ALA C 107 -3.13 -8.69 -32.86
N THR C 108 -2.16 -9.30 -33.52
CA THR C 108 -1.65 -10.60 -33.04
C THR C 108 -0.73 -10.51 -31.80
N TYR C 109 0.16 -9.52 -31.74
CA TYR C 109 0.91 -9.33 -30.49
C TYR C 109 -0.03 -9.20 -29.32
N ILE C 110 -1.13 -8.47 -29.54
CA ILE C 110 -2.06 -8.12 -28.48
C ILE C 110 -2.83 -9.33 -27.92
N THR C 111 -3.28 -10.23 -28.82
CA THR C 111 -3.97 -11.40 -28.26
C THR C 111 -2.96 -12.28 -27.51
N GLU C 112 -1.71 -12.26 -27.99
CA GLU C 112 -0.64 -13.04 -27.32
C GLU C 112 -0.42 -12.58 -25.91
N LEU C 113 -0.29 -11.26 -25.74
CA LEU C 113 -0.16 -10.64 -24.41
C LEU C 113 -1.33 -11.00 -23.52
N ALA C 114 -2.56 -10.71 -23.98
CA ALA C 114 -3.79 -11.00 -23.21
C ALA C 114 -3.82 -12.48 -22.87
N ASN C 115 -3.59 -13.31 -23.88
CA ASN C 115 -3.48 -14.75 -23.63
C ASN C 115 -2.52 -15.05 -22.47
N ALA C 116 -1.28 -14.53 -22.54
CA ALA C 116 -0.33 -14.68 -21.46
C ALA C 116 -0.77 -14.06 -20.15
N LEU C 117 -1.41 -12.89 -20.23
CA LEU C 117 -1.82 -12.17 -19.02
C LEU C 117 -2.98 -12.92 -18.35
N SER C 118 -3.83 -13.50 -19.20
CA SER C 118 -4.95 -14.39 -18.81
C SER C 118 -4.45 -15.60 -18.04
N TYR C 119 -3.45 -16.28 -18.60
CA TYR C 119 -2.75 -17.36 -17.93
C TYR C 119 -2.21 -16.92 -16.58
N CYS C 120 -1.59 -15.74 -16.51
CA CYS C 120 -1.09 -15.19 -15.22
C CYS C 120 -2.20 -14.85 -14.21
N LYS C 131 6.09 -3.59 -20.79
CA LYS C 131 6.67 -2.68 -21.79
C LYS C 131 7.61 -3.32 -22.82
N PRO C 132 7.71 -2.71 -24.01
CA PRO C 132 8.25 -3.40 -25.16
C PRO C 132 9.70 -3.92 -25.01
N GLU C 133 10.55 -3.25 -24.23
CA GLU C 133 11.92 -3.70 -23.94
C GLU C 133 11.91 -5.06 -23.24
N ASN C 134 10.79 -5.37 -22.61
CA ASN C 134 10.69 -6.52 -21.75
C ASN C 134 9.97 -7.64 -22.43
N LEU C 135 9.71 -7.48 -23.72
CA LEU C 135 8.96 -8.43 -24.54
C LEU C 135 9.77 -9.11 -25.66
N LEU C 136 9.92 -10.42 -25.55
CA LEU C 136 10.85 -11.12 -26.40
C LEU C 136 10.16 -11.80 -27.55
N LEU C 137 10.91 -12.03 -28.62
CA LEU C 137 10.36 -12.70 -29.80
C LEU C 137 10.93 -14.10 -30.07
N GLY C 138 10.06 -15.08 -30.16
CA GLY C 138 10.45 -16.48 -30.39
C GLY C 138 10.82 -16.75 -31.82
N SER C 139 11.06 -18.03 -32.12
CA SER C 139 11.54 -18.49 -33.46
C SER C 139 10.64 -18.14 -34.61
N ALA C 140 9.33 -18.10 -34.33
CA ALA C 140 8.32 -17.84 -35.36
C ALA C 140 7.65 -16.46 -35.23
N GLY C 141 8.32 -15.51 -34.55
CA GLY C 141 7.78 -14.18 -34.30
C GLY C 141 6.69 -14.07 -33.21
N GLU C 142 6.49 -15.15 -32.46
CA GLU C 142 5.50 -15.23 -31.38
C GLU C 142 6.07 -14.45 -30.21
N LEU C 143 5.21 -13.77 -29.47
CA LEU C 143 5.73 -12.87 -28.47
C LEU C 143 5.72 -13.54 -27.12
N LYS C 144 6.72 -13.25 -26.30
CA LYS C 144 6.85 -13.84 -24.97
C LYS C 144 7.21 -12.78 -23.92
N ILE C 145 6.49 -12.81 -22.80
CA ILE C 145 6.74 -11.89 -21.68
C ILE C 145 7.91 -12.34 -20.81
N ALA C 146 8.69 -11.35 -20.35
CA ALA C 146 9.81 -11.48 -19.37
C ALA C 146 9.61 -10.56 -18.14
N ASP C 147 10.29 -10.89 -17.04
CA ASP C 147 10.01 -10.27 -15.72
C ASP C 147 8.60 -10.65 -15.24
N THR C 165 9.55 5.04 -17.27
CA THR C 165 9.11 5.04 -15.87
C THR C 165 7.59 5.24 -15.73
N LEU C 166 7.09 6.39 -16.17
CA LEU C 166 5.66 6.69 -16.09
C LEU C 166 4.87 6.14 -17.28
N ASP C 167 5.45 6.27 -18.47
CA ASP C 167 4.81 5.95 -19.74
C ASP C 167 3.80 4.78 -19.75
N TYR C 168 4.10 3.69 -19.03
CA TYR C 168 3.21 2.54 -19.02
C TYR C 168 2.39 2.35 -17.75
N LEU C 169 2.56 3.23 -16.79
CA LEU C 169 1.81 3.16 -15.55
C LEU C 169 0.49 3.91 -15.64
N PRO C 170 -0.54 3.33 -15.01
CA PRO C 170 -1.90 3.88 -14.99
C PRO C 170 -2.03 5.00 -13.99
N PRO C 171 -3.14 5.78 -14.04
CA PRO C 171 -3.26 6.89 -13.08
C PRO C 171 -3.38 6.39 -11.64
N GLU C 172 -4.18 5.35 -11.41
CA GLU C 172 -4.23 4.74 -10.09
C GLU C 172 -2.82 4.50 -9.51
N MET C 173 -1.88 4.06 -10.35
CA MET C 173 -0.53 3.74 -9.88
C MET C 173 0.36 4.97 -9.68
N ILE C 174 -0.02 6.11 -10.25
CA ILE C 174 0.85 7.30 -10.22
C ILE C 174 0.29 8.51 -9.44
N GLU C 175 -1.00 8.47 -9.11
CA GLU C 175 -1.63 9.62 -8.46
C GLU C 175 -1.34 9.64 -6.96
N VAL C 183 -4.94 -2.79 -14.24
CA VAL C 183 -3.67 -2.13 -14.61
C VAL C 183 -2.97 -2.75 -15.82
N ASP C 184 -2.99 -4.07 -15.95
CA ASP C 184 -2.34 -4.69 -17.11
C ASP C 184 -3.20 -4.47 -18.34
N LEU C 185 -4.45 -4.10 -18.12
CA LEU C 185 -5.33 -3.70 -19.23
C LEU C 185 -4.94 -2.31 -19.78
N TRP C 186 -4.80 -1.32 -18.88
CA TRP C 186 -4.11 -0.03 -19.19
C TRP C 186 -2.82 -0.26 -20.03
N SER C 187 -1.85 -0.97 -19.46
CA SER C 187 -0.62 -1.31 -20.16
C SER C 187 -0.87 -1.89 -21.54
N LEU C 188 -1.86 -2.76 -21.68
CA LEU C 188 -2.16 -3.38 -22.97
C LEU C 188 -2.59 -2.30 -23.96
N GLY C 189 -3.32 -1.34 -23.43
CA GLY C 189 -3.77 -0.21 -24.20
C GLY C 189 -2.67 0.75 -24.58
N VAL C 190 -1.75 1.03 -23.67
CA VAL C 190 -0.51 1.76 -24.03
C VAL C 190 0.32 1.02 -25.12
N LEU C 191 0.46 -0.29 -24.96
CA LEU C 191 1.25 -1.11 -25.88
C LEU C 191 0.67 -1.14 -27.28
N CYS C 192 -0.64 -1.38 -27.36
CA CYS C 192 -1.37 -1.32 -28.63
C CYS C 192 -1.24 0.05 -29.31
N TYR C 193 -1.30 1.13 -28.56
CA TYR C 193 -1.06 2.45 -29.15
C TYR C 193 0.35 2.52 -29.67
N GLU C 194 1.32 2.13 -28.85
CA GLU C 194 2.71 2.33 -29.24
C GLU C 194 3.12 1.47 -30.37
N PHE C 195 2.51 0.32 -30.51
CA PHE C 195 2.83 -0.53 -31.66
C PHE C 195 2.32 0.10 -32.91
N LEU C 196 1.10 0.63 -32.87
CA LEU C 196 0.53 1.14 -34.11
C LEU C 196 1.11 2.48 -34.45
N VAL C 197 1.52 3.23 -33.44
CA VAL C 197 1.96 4.62 -33.66
C VAL C 197 3.47 4.83 -33.57
N GLY C 198 4.14 4.10 -32.68
CA GLY C 198 5.60 4.19 -32.57
C GLY C 198 6.08 5.05 -31.43
N LYS C 199 5.16 5.71 -30.72
CA LYS C 199 5.50 6.28 -29.40
C LYS C 199 4.33 6.03 -28.50
N PRO C 200 4.56 5.95 -27.17
CA PRO C 200 3.45 5.81 -26.24
C PRO C 200 2.57 7.07 -26.21
N PRO C 201 1.30 6.88 -25.86
CA PRO C 201 0.32 7.91 -26.14
C PRO C 201 0.51 9.15 -25.31
N PHE C 202 1.26 9.03 -24.23
CA PHE C 202 1.40 10.10 -23.24
C PHE C 202 2.78 10.71 -23.15
N GLU C 203 3.67 10.32 -24.08
CA GLU C 203 4.99 10.94 -24.16
C GLU C 203 4.95 12.45 -24.12
N ALA C 204 5.83 13.02 -23.31
CA ALA C 204 5.96 14.47 -23.12
C ALA C 204 7.39 14.86 -22.72
N ASN C 205 7.65 16.16 -22.60
CA ASN C 205 9.01 16.70 -22.36
C ASN C 205 9.60 16.47 -20.98
N THR C 206 8.75 16.37 -19.96
CA THR C 206 9.23 16.24 -18.56
C THR C 206 8.35 15.24 -17.79
N TYR C 207 8.86 14.71 -16.68
CA TYR C 207 8.14 13.79 -15.80
C TYR C 207 6.83 14.38 -15.27
N GLN C 208 6.88 15.64 -14.85
CA GLN C 208 5.73 16.39 -14.34
C GLN C 208 4.60 16.38 -15.37
N TYR C 211 3.09 13.00 -16.72
CA TYR C 211 2.39 12.69 -15.47
C TYR C 211 0.98 13.23 -15.51
N LYS C 212 0.85 14.47 -15.97
CA LYS C 212 -0.42 15.16 -16.03
C LYS C 212 -1.22 14.57 -17.16
N ARG C 213 -0.51 14.23 -18.23
CA ARG C 213 -1.14 13.64 -19.38
C ARG C 213 -1.81 12.33 -19.00
N ILE C 214 -1.07 11.49 -18.26
CA ILE C 214 -1.58 10.21 -17.80
C ILE C 214 -2.76 10.38 -16.84
N SER C 215 -2.63 11.25 -15.85
CA SER C 215 -3.69 11.40 -14.85
C SER C 215 -5.00 12.03 -15.38
N ARG C 216 -4.91 12.77 -16.48
CA ARG C 216 -6.08 13.33 -17.16
C ARG C 216 -6.35 12.57 -18.47
N VAL C 217 -5.65 11.45 -18.67
CA VAL C 217 -5.73 10.69 -19.96
C VAL C 217 -5.76 11.54 -21.24
N GLU C 218 -5.00 12.63 -21.31
CA GLU C 218 -4.97 13.47 -22.50
C GLU C 218 -4.06 12.84 -23.55
N PHE C 219 -4.67 12.29 -24.59
CA PHE C 219 -3.93 11.62 -25.68
C PHE C 219 -4.72 11.63 -26.96
N THR C 220 -4.06 11.34 -28.05
CA THR C 220 -4.59 11.77 -29.29
C THR C 220 -4.12 10.79 -30.35
N PHE C 221 -4.92 10.61 -31.40
CA PHE C 221 -4.59 9.67 -32.46
C PHE C 221 -4.16 10.36 -33.75
N PRO C 222 -3.22 9.75 -34.50
CA PRO C 222 -2.90 10.21 -35.87
C PRO C 222 -3.96 9.69 -36.79
N ASP C 223 -4.25 10.38 -37.89
CA ASP C 223 -5.20 9.77 -38.82
C ASP C 223 -4.55 8.78 -39.75
N PHE C 224 -4.24 7.61 -39.21
CA PHE C 224 -4.19 6.37 -39.97
C PHE C 224 -4.76 5.25 -39.08
N VAL C 225 -4.79 5.49 -37.78
CA VAL C 225 -5.35 4.57 -36.82
C VAL C 225 -6.87 4.53 -36.97
N THR C 226 -7.38 3.34 -37.34
CA THR C 226 -8.82 3.16 -37.53
C THR C 226 -9.54 3.16 -36.22
N GLU C 227 -10.86 3.34 -36.29
CA GLU C 227 -11.75 3.43 -35.14
C GLU C 227 -11.83 2.10 -34.41
N GLY C 228 -11.59 1.01 -35.14
CA GLY C 228 -11.48 -0.32 -34.51
C GLY C 228 -10.36 -0.30 -33.48
N ALA C 229 -9.18 0.13 -33.93
CA ALA C 229 -8.01 0.33 -33.08
C ALA C 229 -8.32 1.40 -32.01
N ARG C 230 -8.98 2.48 -32.41
CA ARG C 230 -9.30 3.60 -31.51
C ARG C 230 -10.23 3.21 -30.42
N ASP C 231 -11.13 2.26 -30.71
CA ASP C 231 -12.16 1.86 -29.74
C ASP C 231 -11.57 0.96 -28.67
N LEU C 232 -10.80 -0.05 -29.09
CA LEU C 232 -10.04 -0.90 -28.14
C LEU C 232 -9.19 -0.02 -27.28
N ILE C 233 -8.37 0.82 -27.92
CA ILE C 233 -7.37 1.59 -27.17
C ILE C 233 -8.08 2.46 -26.15
N SER C 234 -9.10 3.20 -26.61
CA SER C 234 -9.88 4.10 -25.72
C SER C 234 -10.69 3.36 -24.62
N ARG C 235 -11.02 2.09 -24.86
CA ARG C 235 -11.67 1.29 -23.80
C ARG C 235 -10.63 0.84 -22.80
N LEU C 236 -9.42 0.55 -23.27
CA LEU C 236 -8.34 0.18 -22.36
C LEU C 236 -7.82 1.40 -21.55
N LEU C 237 -7.73 2.58 -22.19
CA LEU C 237 -7.22 3.79 -21.52
C LEU C 237 -8.32 4.62 -20.86
N LYS C 238 -9.15 3.98 -20.03
CA LYS C 238 -10.13 4.69 -19.19
C LYS C 238 -9.53 4.96 -17.78
N HIS C 239 -9.75 6.16 -17.27
CA HIS C 239 -9.20 6.58 -15.99
C HIS C 239 -9.86 5.73 -14.94
N ASN C 240 -11.15 5.46 -15.19
CA ASN C 240 -11.90 4.52 -14.37
C ASN C 240 -11.41 3.11 -14.72
N PRO C 241 -10.66 2.46 -13.81
CA PRO C 241 -10.21 1.06 -14.01
C PRO C 241 -11.36 0.08 -14.30
N HIS C 253 -12.61 -9.00 -29.24
CA HIS C 253 -13.04 -7.69 -29.66
C HIS C 253 -12.89 -7.63 -31.18
N PRO C 254 -13.88 -7.04 -31.87
CA PRO C 254 -13.93 -7.07 -33.34
C PRO C 254 -12.64 -6.66 -34.06
N TRP C 255 -11.95 -5.64 -33.56
CA TRP C 255 -10.71 -5.23 -34.25
C TRP C 255 -9.60 -6.27 -33.99
N ILE C 256 -9.63 -6.84 -32.79
CA ILE C 256 -8.63 -7.83 -32.39
C ILE C 256 -8.82 -9.20 -33.06
N THR C 257 -10.05 -9.49 -33.50
CA THR C 257 -10.34 -10.67 -34.36
C THR C 257 -10.40 -10.24 -35.82
N ALA C 258 -10.01 -11.11 -36.73
CA ALA C 258 -9.91 -10.69 -38.12
C ALA C 258 -9.05 -9.43 -38.28
N ASN C 259 -8.03 -9.32 -37.42
CA ASN C 259 -6.83 -8.57 -37.70
C ASN C 259 -5.62 -9.40 -37.25
N SER C 260 -5.84 -10.24 -36.24
CA SER C 260 -4.80 -11.12 -35.72
C SER C 260 -4.56 -12.42 -36.51
N SER C 261 -3.37 -12.99 -36.28
CA SER C 261 -2.91 -14.27 -36.83
C SER C 261 -2.51 -14.17 -38.28
N TRP D 1 10.60 37.07 -42.76
CA TRP D 1 10.44 35.59 -42.88
C TRP D 1 9.00 35.20 -42.62
N ALA D 2 8.48 34.26 -43.38
CA ALA D 2 7.12 33.76 -43.10
C ALA D 2 6.97 32.29 -43.54
N LEU D 3 6.00 31.60 -42.96
CA LEU D 3 5.82 30.17 -43.14
C LEU D 3 5.84 29.76 -44.62
N GLU D 4 5.26 30.61 -45.45
CA GLU D 4 5.01 30.31 -46.85
C GLU D 4 6.29 30.43 -47.67
N ASP D 5 7.36 30.85 -47.01
CA ASP D 5 8.67 30.83 -47.58
C ASP D 5 9.33 29.46 -47.52
N PHE D 6 8.72 28.45 -46.89
CA PHE D 6 9.44 27.18 -46.72
C PHE D 6 8.67 25.96 -47.22
N GLU D 7 9.39 24.97 -47.75
CA GLU D 7 8.77 23.67 -48.00
C GLU D 7 9.03 22.83 -46.75
N ILE D 8 8.08 22.02 -46.35
CA ILE D 8 8.15 21.21 -45.15
C ILE D 8 8.29 19.74 -45.54
N GLY D 9 9.28 19.08 -44.98
CA GLY D 9 9.45 17.66 -45.12
C GLY D 9 8.99 16.89 -43.88
N ARG D 10 9.66 15.77 -43.61
CA ARG D 10 9.31 14.87 -42.51
C ARG D 10 9.63 15.43 -41.13
N PRO D 11 8.99 14.86 -40.08
CA PRO D 11 9.51 15.18 -38.74
C PRO D 11 10.91 14.60 -38.62
N LEU D 12 11.84 15.37 -38.07
CA LEU D 12 13.19 14.89 -37.93
C LEU D 12 13.47 14.13 -36.63
N GLY D 13 12.64 14.32 -35.61
CA GLY D 13 13.09 14.04 -34.26
C GLY D 13 12.35 13.11 -33.32
N LYS D 14 11.05 12.88 -33.55
CA LYS D 14 10.21 12.10 -32.60
C LYS D 14 10.55 12.23 -31.10
N GLY D 15 11.58 13.03 -30.77
CA GLY D 15 12.28 12.82 -29.51
C GLY D 15 12.08 13.88 -28.47
N LYS D 16 10.99 14.62 -28.55
CA LYS D 16 10.90 15.93 -27.94
C LYS D 16 11.79 16.92 -28.71
N PHE D 17 12.47 16.38 -29.72
CA PHE D 17 12.75 17.11 -30.96
C PHE D 17 11.60 16.81 -31.94
N GLY D 18 10.46 16.40 -31.38
CA GLY D 18 9.29 16.02 -32.16
C GLY D 18 8.65 17.15 -32.95
N ASN D 19 9.03 18.42 -32.65
CA ASN D 19 8.50 19.59 -33.35
C ASN D 19 9.47 20.24 -34.33
N VAL D 20 10.55 19.57 -34.69
CA VAL D 20 11.41 20.12 -35.74
C VAL D 20 11.31 19.36 -37.05
N TYR D 21 11.41 20.07 -38.17
CA TYR D 21 10.94 19.51 -39.43
C TYR D 21 11.98 19.74 -40.47
N LEU D 22 12.28 18.72 -41.27
CA LEU D 22 13.08 18.98 -42.47
C LEU D 22 12.32 20.04 -43.25
N ALA D 23 13.03 21.04 -43.76
CA ALA D 23 12.38 22.08 -44.48
C ALA D 23 13.37 22.68 -45.49
N ARG D 24 12.85 23.51 -46.39
CA ARG D 24 13.64 24.13 -47.44
C ARG D 24 13.15 25.55 -47.69
N GLU D 25 14.08 26.48 -47.85
CA GLU D 25 13.74 27.85 -48.25
C GLU D 25 13.34 27.81 -49.73
N LYS D 26 12.15 28.31 -50.05
CA LYS D 26 11.56 28.15 -51.39
C LYS D 26 12.41 28.72 -52.52
N GLN D 27 12.98 29.90 -52.33
CA GLN D 27 13.60 30.56 -53.46
C GLN D 27 14.94 30.00 -53.83
N SER D 28 15.81 29.88 -52.83
CA SER D 28 17.15 29.39 -53.03
C SER D 28 17.21 27.87 -53.02
N LYS D 29 16.22 27.21 -52.43
CA LYS D 29 16.17 25.72 -52.41
C LYS D 29 17.07 25.04 -51.33
N PHE D 30 17.62 25.84 -50.43
CA PHE D 30 18.48 25.39 -49.38
C PHE D 30 17.70 24.67 -48.27
N ILE D 31 18.19 23.47 -47.97
CA ILE D 31 17.68 22.61 -46.91
C ILE D 31 18.10 23.15 -45.52
N LEU D 32 17.13 23.24 -44.63
CA LEU D 32 17.18 23.91 -43.34
C LEU D 32 16.32 23.02 -42.43
N ALA D 33 16.10 23.41 -41.17
CA ALA D 33 15.17 22.70 -40.27
C ALA D 33 14.27 23.71 -39.62
N LEU D 34 12.99 23.36 -39.40
CA LEU D 34 11.99 24.26 -38.82
C LEU D 34 11.42 23.67 -37.56
N LYS D 35 11.58 24.43 -36.48
CA LYS D 35 11.05 24.06 -35.22
C LYS D 35 9.84 24.94 -34.98
N VAL D 36 8.74 24.29 -34.54
CA VAL D 36 7.48 24.94 -34.44
C VAL D 36 6.89 24.78 -33.06
N LEU D 37 6.45 25.92 -32.55
CA LEU D 37 5.93 26.07 -31.22
C LEU D 37 4.56 26.79 -31.23
N PHE D 38 3.67 26.38 -30.33
CA PHE D 38 2.41 27.09 -30.14
C PHE D 38 2.70 28.15 -29.11
N LYS D 39 2.39 29.41 -29.42
CA LYS D 39 2.61 30.56 -28.50
C LYS D 39 1.95 30.34 -27.14
N ALA D 40 0.72 29.83 -27.14
CA ALA D 40 -0.01 29.49 -25.90
C ALA D 40 0.78 28.52 -25.02
N GLN D 41 1.70 27.79 -25.63
CA GLN D 41 2.88 27.21 -24.96
C GLN D 41 2.76 25.75 -24.56
N GLU D 54 17.24 33.05 -25.08
CA GLU D 54 16.36 33.08 -26.24
C GLU D 54 17.04 33.54 -27.55
N VAL D 55 16.24 34.12 -28.44
CA VAL D 55 16.42 33.99 -29.87
C VAL D 55 17.36 35.01 -30.52
N GLU D 56 17.92 35.89 -29.69
CA GLU D 56 18.72 37.02 -30.14
C GLU D 56 20.24 36.78 -29.93
N ILE D 57 20.62 36.11 -28.85
CA ILE D 57 22.03 35.74 -28.61
C ILE D 57 22.50 34.62 -29.58
N GLN D 58 21.81 33.48 -29.55
CA GLN D 58 22.15 32.32 -30.38
C GLN D 58 22.04 32.62 -31.88
N SER D 59 21.28 33.65 -32.20
CA SER D 59 21.18 34.10 -33.58
C SER D 59 22.55 34.52 -34.07
N HIS D 60 23.24 35.35 -33.28
CA HIS D 60 24.51 35.93 -33.70
C HIS D 60 25.66 35.07 -33.25
N LEU D 61 25.38 34.11 -32.38
CA LEU D 61 26.39 33.20 -31.84
C LEU D 61 26.85 32.21 -32.93
N ARG D 62 28.01 32.46 -33.54
CA ARG D 62 28.50 31.59 -34.61
C ARG D 62 29.77 30.77 -34.33
N HIS D 63 29.65 29.45 -34.41
CA HIS D 63 30.78 28.52 -34.19
C HIS D 63 30.52 27.27 -35.01
N PRO D 64 31.59 26.66 -35.57
CA PRO D 64 31.49 25.42 -36.37
C PRO D 64 30.94 24.19 -35.64
N ASN D 65 31.07 24.11 -34.32
CA ASN D 65 30.52 22.97 -33.56
C ASN D 65 29.27 23.32 -32.74
N ILE D 66 28.70 24.47 -33.08
CA ILE D 66 27.40 24.84 -32.61
C ILE D 66 26.43 24.83 -33.79
N LEU D 67 25.15 24.59 -33.53
CA LEU D 67 24.17 24.60 -34.61
C LEU D 67 23.68 26.02 -34.81
N ARG D 68 23.75 26.53 -36.03
CA ARG D 68 23.35 27.91 -36.26
C ARG D 68 21.85 28.09 -36.10
N LEU D 69 21.44 29.15 -35.40
CA LEU D 69 20.07 29.60 -35.44
C LEU D 69 19.99 30.73 -36.48
N TYR D 70 19.34 30.49 -37.62
CA TYR D 70 19.26 31.49 -38.70
C TYR D 70 18.23 32.63 -38.49
N GLY D 71 17.13 32.35 -37.81
CA GLY D 71 16.12 33.36 -37.48
C GLY D 71 14.83 32.76 -36.91
N TYR D 72 13.87 33.64 -36.61
CA TYR D 72 12.58 33.21 -36.13
C TYR D 72 11.47 34.12 -36.68
N PHE D 73 10.22 33.77 -36.39
CA PHE D 73 9.07 34.52 -36.89
C PHE D 73 7.84 33.86 -36.36
N HIS D 74 6.74 34.62 -36.35
CA HIS D 74 5.47 34.12 -35.86
C HIS D 74 4.27 34.58 -36.65
N ASP D 75 3.15 33.89 -36.42
CA ASP D 75 1.87 34.26 -36.97
C ASP D 75 0.93 34.37 -35.75
N ALA D 76 -0.39 34.46 -35.94
CA ALA D 76 -1.30 34.66 -34.79
C ALA D 76 -1.32 33.52 -33.75
N THR D 77 -0.84 32.34 -34.14
CA THR D 77 -0.91 31.16 -33.25
C THR D 77 0.43 30.57 -32.83
N ARG D 78 1.39 30.57 -33.75
CA ARG D 78 2.63 29.81 -33.59
C ARG D 78 3.90 30.60 -33.83
N VAL D 79 4.97 30.10 -33.20
CA VAL D 79 6.34 30.55 -33.39
C VAL D 79 7.18 29.49 -34.15
N TYR D 80 8.05 29.97 -35.03
CA TYR D 80 8.88 29.14 -35.90
C TYR D 80 10.34 29.54 -35.80
N LEU D 81 11.17 28.52 -35.59
CA LEU D 81 12.61 28.65 -35.40
C LEU D 81 13.30 28.04 -36.62
N ILE D 82 14.21 28.81 -37.22
CA ILE D 82 14.84 28.40 -38.47
C ILE D 82 16.23 27.89 -38.15
N LEU D 83 16.49 26.62 -38.42
CA LEU D 83 17.69 25.98 -37.90
C LEU D 83 18.50 25.34 -38.98
N GLU D 84 19.81 25.29 -38.77
CA GLU D 84 20.68 24.42 -39.55
C GLU D 84 20.18 22.98 -39.50
N TYR D 85 20.14 22.36 -40.66
CA TYR D 85 20.03 20.94 -40.82
C TYR D 85 21.38 20.31 -40.64
N ALA D 86 21.42 19.30 -39.77
CA ALA D 86 22.56 18.42 -39.64
C ALA D 86 22.26 17.12 -40.41
N PRO D 87 22.93 16.93 -41.56
CA PRO D 87 22.62 15.82 -42.48
C PRO D 87 22.78 14.44 -41.88
N LEU D 88 23.78 14.27 -41.01
CA LEU D 88 24.16 12.93 -40.53
C LEU D 88 23.51 12.48 -39.23
N GLY D 89 22.54 13.24 -38.77
CA GLY D 89 21.73 12.79 -37.66
C GLY D 89 22.36 13.14 -36.33
N THR D 90 21.93 12.43 -35.30
CA THR D 90 22.42 12.63 -33.98
C THR D 90 23.51 11.61 -33.69
N VAL D 91 24.42 11.99 -32.79
CA VAL D 91 25.42 11.10 -32.22
C VAL D 91 24.79 9.92 -31.51
N TYR D 92 23.63 10.13 -30.90
CA TYR D 92 22.95 9.00 -30.32
C TYR D 92 22.79 7.86 -31.35
N ARG D 93 22.23 8.17 -32.50
CA ARG D 93 21.98 7.15 -33.51
C ARG D 93 23.27 6.46 -33.93
N GLU D 94 24.40 7.16 -33.92
CA GLU D 94 25.65 6.48 -34.29
C GLU D 94 26.09 5.50 -33.23
N LEU D 95 25.90 5.86 -31.95
CA LEU D 95 26.25 4.98 -30.84
C LEU D 95 25.44 3.70 -30.92
N GLN D 96 24.12 3.84 -31.05
CA GLN D 96 23.22 2.74 -31.47
C GLN D 96 23.70 1.93 -32.70
N LYS D 97 24.18 2.62 -33.74
CA LYS D 97 24.69 1.95 -34.94
C LYS D 97 25.82 1.04 -34.50
N LEU D 98 26.98 1.69 -34.34
CA LEU D 98 28.32 1.17 -34.04
C LEU D 98 28.61 0.58 -32.64
N SER D 99 27.60 0.39 -31.81
CA SER D 99 27.84 -0.04 -30.43
C SER D 99 28.62 0.99 -29.56
N LYS D 100 29.87 1.28 -29.97
CA LYS D 100 30.84 2.15 -29.29
C LYS D 100 31.77 2.75 -30.32
N PHE D 101 32.57 3.73 -29.93
CA PHE D 101 33.50 4.38 -30.87
C PHE D 101 34.96 4.09 -30.54
N ASP D 102 35.77 3.78 -31.54
CA ASP D 102 37.21 3.63 -31.29
C ASP D 102 37.79 5.01 -30.84
N GLU D 103 39.06 5.05 -30.48
CA GLU D 103 39.63 6.25 -29.86
C GLU D 103 39.72 7.52 -30.73
N GLN D 104 39.99 7.39 -32.03
CA GLN D 104 40.13 8.58 -32.91
C GLN D 104 38.85 9.40 -32.90
N ARG D 105 37.76 8.68 -33.17
CA ARG D 105 36.43 9.24 -33.24
C ARG D 105 36.05 10.00 -31.96
N THR D 106 36.07 9.30 -30.82
CA THR D 106 35.71 9.93 -29.53
C THR D 106 36.64 11.09 -29.22
N ALA D 107 37.94 10.82 -29.27
CA ALA D 107 38.94 11.88 -29.05
C ALA D 107 38.59 13.08 -29.91
N THR D 108 38.21 12.84 -31.16
CA THR D 108 37.81 13.94 -32.04
C THR D 108 36.53 14.61 -31.55
N TYR D 109 35.51 13.84 -31.17
CA TYR D 109 34.28 14.45 -30.69
C TYR D 109 34.55 15.35 -29.52
N ILE D 110 35.49 14.94 -28.66
CA ILE D 110 35.73 15.60 -27.38
C ILE D 110 36.37 16.99 -27.54
N THR D 111 37.38 17.08 -28.39
CA THR D 111 38.01 18.39 -28.55
C THR D 111 37.00 19.34 -29.21
N GLU D 112 36.21 18.81 -30.16
CA GLU D 112 35.20 19.62 -30.88
C GLU D 112 34.20 20.21 -29.90
N LEU D 113 33.77 19.38 -28.97
CA LEU D 113 32.75 19.74 -28.01
C LEU D 113 33.31 20.56 -26.86
N ALA D 114 34.55 20.29 -26.43
CA ALA D 114 35.27 21.26 -25.55
C ALA D 114 35.42 22.62 -26.25
N ASN D 115 35.77 22.60 -27.54
CA ASN D 115 35.86 23.85 -28.31
C ASN D 115 34.58 24.68 -28.25
N ALA D 116 33.45 23.99 -28.41
CA ALA D 116 32.12 24.59 -28.36
C ALA D 116 31.75 25.12 -26.98
N LEU D 117 32.07 24.38 -25.93
CA LEU D 117 31.73 24.82 -24.58
C LEU D 117 32.57 26.03 -24.19
N SER D 118 33.83 26.04 -24.64
CA SER D 118 34.75 27.14 -24.35
C SER D 118 34.28 28.42 -25.03
N TYR D 119 33.85 28.30 -26.30
CA TYR D 119 33.12 29.37 -26.98
C TYR D 119 31.93 29.85 -26.16
N CYS D 120 31.21 28.93 -25.53
CA CYS D 120 30.09 29.32 -24.65
C CYS D 120 30.59 29.80 -23.28
N LYS D 131 24.35 15.57 -23.78
CA LYS D 131 24.07 14.14 -23.98
C LYS D 131 23.80 13.73 -25.42
N PRO D 132 24.12 12.46 -25.80
CA PRO D 132 24.15 12.07 -27.20
C PRO D 132 22.86 12.34 -27.98
N GLU D 133 21.70 12.26 -27.33
CA GLU D 133 20.43 12.72 -27.91
C GLU D 133 20.50 14.11 -28.56
N ASN D 134 21.24 15.04 -27.94
CA ASN D 134 21.22 16.42 -28.40
C ASN D 134 22.44 16.80 -29.22
N LEU D 135 23.19 15.82 -29.72
CA LEU D 135 24.41 16.12 -30.49
C LEU D 135 24.30 15.72 -31.97
N LEU D 136 24.44 16.70 -32.84
CA LEU D 136 24.13 16.45 -34.23
C LEU D 136 25.39 16.33 -35.01
N LEU D 137 25.30 15.62 -36.14
CA LEU D 137 26.45 15.41 -37.01
C LEU D 137 26.37 16.15 -38.35
N GLY D 138 27.37 16.99 -38.62
CA GLY D 138 27.41 17.78 -39.86
C GLY D 138 27.74 16.94 -41.08
N SER D 139 27.93 17.60 -42.22
CA SER D 139 28.24 16.89 -43.46
C SER D 139 29.58 16.18 -43.40
N ALA D 140 30.57 16.81 -42.78
CA ALA D 140 31.89 16.18 -42.67
C ALA D 140 31.98 15.24 -41.45
N GLY D 141 30.86 14.95 -40.81
CA GLY D 141 30.87 14.17 -39.58
C GLY D 141 31.36 14.92 -38.34
N GLU D 142 31.35 16.26 -38.40
CA GLU D 142 31.76 17.09 -37.29
C GLU D 142 30.59 17.26 -36.36
N LEU D 143 30.88 17.30 -35.06
CA LEU D 143 29.83 17.31 -34.07
C LEU D 143 29.32 18.73 -33.79
N LYS D 144 28.03 18.84 -33.52
CA LYS D 144 27.41 20.13 -33.24
C LYS D 144 26.45 20.05 -32.06
N ILE D 145 26.67 20.93 -31.07
CA ILE D 145 25.72 21.12 -29.97
C ILE D 145 24.44 21.82 -30.46
N ALA D 146 23.31 21.46 -29.84
CA ALA D 146 22.00 22.13 -29.95
C ALA D 146 21.57 22.48 -28.52
N ASP D 147 20.38 23.06 -28.34
CA ASP D 147 19.87 23.38 -26.97
C ASP D 147 20.81 24.34 -26.20
N THR D 165 17.67 11.16 -17.57
CA THR D 165 17.49 12.16 -16.52
C THR D 165 18.79 12.40 -15.73
N LEU D 166 19.10 11.50 -14.80
CA LEU D 166 20.30 11.63 -13.94
C LEU D 166 21.62 11.36 -14.66
N ASP D 167 21.63 10.36 -15.53
CA ASP D 167 22.88 9.81 -16.09
C ASP D 167 24.03 10.76 -16.43
N TYR D 168 23.72 12.01 -16.76
CA TYR D 168 24.74 13.00 -17.15
C TYR D 168 24.90 14.15 -16.17
N LEU D 169 24.13 14.10 -15.09
CA LEU D 169 24.13 15.13 -14.06
C LEU D 169 25.15 14.81 -12.98
N PRO D 170 25.97 15.82 -12.63
CA PRO D 170 27.05 15.72 -11.66
C PRO D 170 26.49 15.64 -10.23
N PRO D 171 27.30 15.18 -9.24
CA PRO D 171 26.78 15.08 -7.87
C PRO D 171 26.28 16.42 -7.30
N GLU D 172 27.03 17.51 -7.55
CA GLU D 172 26.59 18.86 -7.15
C GLU D 172 25.13 19.14 -7.58
N MET D 173 24.81 18.89 -8.86
CA MET D 173 23.49 19.18 -9.43
C MET D 173 22.35 18.32 -8.90
N ILE D 174 22.66 17.21 -8.23
CA ILE D 174 21.61 16.30 -7.76
C ILE D 174 21.54 16.17 -6.24
N GLU D 175 22.45 16.84 -5.54
CA GLU D 175 22.57 16.68 -4.10
C GLU D 175 21.46 17.40 -3.34
N VAL D 183 30.32 21.97 -14.25
CA VAL D 183 29.32 20.94 -14.46
C VAL D 183 29.51 20.35 -15.85
N ASP D 184 29.88 21.18 -16.81
CA ASP D 184 30.03 20.70 -18.17
C ASP D 184 31.38 20.07 -18.39
N LEU D 185 32.14 19.87 -17.32
CA LEU D 185 33.34 19.05 -17.39
C LEU D 185 33.00 17.62 -16.96
N TRP D 186 32.22 17.49 -15.89
CA TRP D 186 31.58 16.21 -15.55
C TRP D 186 30.91 15.60 -16.80
N SER D 187 29.91 16.28 -17.32
CA SER D 187 29.16 15.78 -18.45
C SER D 187 30.11 15.38 -19.57
N LEU D 188 31.20 16.12 -19.75
CA LEU D 188 32.16 15.77 -20.81
C LEU D 188 32.83 14.41 -20.52
N GLY D 189 33.14 14.20 -19.25
CA GLY D 189 33.67 12.92 -18.81
C GLY D 189 32.69 11.77 -18.94
N VAL D 190 31.44 11.98 -18.54
CA VAL D 190 30.37 11.00 -18.80
C VAL D 190 30.29 10.64 -20.29
N LEU D 191 30.44 11.65 -21.14
CA LEU D 191 30.24 11.49 -22.57
C LEU D 191 31.43 10.76 -23.19
N CYS D 192 32.63 11.11 -22.74
CA CYS D 192 33.82 10.39 -23.18
C CYS D 192 33.73 8.89 -22.75
N TYR D 193 33.19 8.63 -21.56
CA TYR D 193 33.04 7.25 -21.13
C TYR D 193 32.12 6.57 -22.10
N GLU D 194 30.91 7.13 -22.25
CA GLU D 194 29.88 6.51 -23.06
C GLU D 194 30.28 6.28 -24.49
N PHE D 195 31.09 7.13 -25.08
CA PHE D 195 31.52 6.83 -26.45
C PHE D 195 32.46 5.66 -26.51
N LEU D 196 33.37 5.51 -25.55
CA LEU D 196 34.36 4.43 -25.67
C LEU D 196 33.77 3.08 -25.27
N VAL D 197 32.70 3.13 -24.48
CA VAL D 197 32.14 1.96 -23.82
C VAL D 197 30.73 1.58 -24.28
N GLY D 198 29.87 2.55 -24.56
CA GLY D 198 28.58 2.26 -25.16
C GLY D 198 27.44 2.38 -24.19
N LYS D 199 27.77 2.63 -22.92
CA LYS D 199 26.76 2.94 -21.90
C LYS D 199 27.42 3.90 -20.92
N PRO D 200 26.66 4.86 -20.34
CA PRO D 200 27.21 5.81 -19.40
C PRO D 200 27.78 5.12 -18.16
N PRO D 201 28.61 5.83 -17.40
CA PRO D 201 29.40 5.08 -16.43
C PRO D 201 28.59 4.68 -15.22
N PHE D 202 27.43 5.29 -15.04
CA PHE D 202 26.62 5.12 -13.83
C PHE D 202 25.28 4.43 -13.99
N GLU D 203 25.02 3.83 -15.16
CA GLU D 203 23.80 3.05 -15.37
C GLU D 203 23.51 2.00 -14.30
N ALA D 204 22.30 2.05 -13.75
CA ALA D 204 21.79 1.15 -12.71
C ALA D 204 20.29 0.93 -12.90
N ASN D 205 19.74 -0.11 -12.24
CA ASN D 205 18.31 -0.48 -12.45
C ASN D 205 17.28 0.59 -12.10
N THR D 206 17.46 1.21 -10.94
CA THR D 206 16.43 2.04 -10.32
C THR D 206 17.02 3.37 -9.82
N TYR D 207 16.35 4.49 -10.18
CA TYR D 207 16.77 5.87 -9.89
C TYR D 207 17.48 6.09 -8.54
N GLN D 208 17.03 5.41 -7.48
CA GLN D 208 17.65 5.55 -6.18
C GLN D 208 19.12 5.12 -6.24
N TYR D 211 21.63 7.21 -8.78
CA TYR D 211 21.74 8.39 -7.90
C TYR D 211 22.87 8.24 -6.89
N LYS D 212 22.90 7.10 -6.21
CA LYS D 212 23.92 6.86 -5.20
C LYS D 212 25.24 6.62 -5.90
N ARG D 213 25.16 6.00 -7.07
CA ARG D 213 26.37 5.73 -7.83
C ARG D 213 27.05 6.99 -8.30
N ILE D 214 26.24 7.96 -8.73
CA ILE D 214 26.72 9.26 -9.19
C ILE D 214 27.33 10.02 -8.03
N SER D 215 26.62 10.10 -6.91
CA SER D 215 27.07 10.88 -5.74
C SER D 215 28.32 10.31 -5.06
N ARG D 216 28.54 9.01 -5.21
CA ARG D 216 29.75 8.34 -4.72
C ARG D 216 30.76 8.08 -5.84
N VAL D 217 30.49 8.60 -7.04
CA VAL D 217 31.33 8.29 -8.23
C VAL D 217 31.79 6.83 -8.35
N GLU D 218 30.91 5.87 -8.07
CA GLU D 218 31.25 4.47 -8.21
C GLU D 218 31.06 4.08 -9.65
N PHE D 219 32.17 3.78 -10.33
CA PHE D 219 32.19 3.32 -11.72
C PHE D 219 33.53 2.71 -12.07
N THR D 220 33.55 1.90 -13.10
CA THR D 220 34.72 1.13 -13.42
C THR D 220 34.86 1.10 -14.91
N PHE D 221 36.04 0.69 -15.36
CA PHE D 221 36.31 0.58 -16.78
C PHE D 221 36.43 -0.86 -17.19
N PRO D 222 35.83 -1.21 -18.35
CA PRO D 222 36.13 -2.46 -19.02
C PRO D 222 37.58 -2.42 -19.41
N ASP D 223 38.24 -3.57 -19.53
CA ASP D 223 39.58 -3.56 -20.09
C ASP D 223 39.63 -3.57 -21.61
N PHE D 224 39.42 -2.40 -22.17
CA PHE D 224 39.95 -2.01 -23.45
C PHE D 224 40.26 -0.52 -23.29
N VAL D 225 39.62 0.09 -22.31
CA VAL D 225 39.86 1.50 -22.09
C VAL D 225 41.30 1.75 -21.65
N THR D 226 42.07 2.43 -22.51
CA THR D 226 43.46 2.71 -22.25
C THR D 226 43.56 3.66 -21.10
N GLU D 227 44.77 3.74 -20.56
CA GLU D 227 45.12 4.60 -19.44
C GLU D 227 44.96 6.10 -19.74
N GLY D 228 45.17 6.49 -20.98
CA GLY D 228 45.02 7.89 -21.35
C GLY D 228 43.58 8.31 -21.17
N ALA D 229 42.68 7.46 -21.69
CA ALA D 229 41.23 7.62 -21.56
C ALA D 229 40.84 7.60 -20.08
N ARG D 230 41.42 6.64 -19.35
CA ARG D 230 41.10 6.45 -17.93
C ARG D 230 41.46 7.64 -17.08
N ASP D 231 42.58 8.28 -17.41
CA ASP D 231 43.04 9.42 -16.63
C ASP D 231 42.23 10.68 -16.96
N LEU D 232 41.94 10.89 -18.24
CA LEU D 232 41.08 11.99 -18.67
C LEU D 232 39.71 11.84 -18.04
N ILE D 233 39.04 10.69 -18.30
CA ILE D 233 37.71 10.41 -17.75
C ILE D 233 37.71 10.57 -16.23
N SER D 234 38.65 9.94 -15.54
CA SER D 234 38.70 10.03 -14.04
C SER D 234 39.05 11.41 -13.49
N ARG D 235 39.72 12.24 -14.28
CA ARG D 235 39.97 13.59 -13.80
C ARG D 235 38.72 14.42 -13.99
N LEU D 236 37.94 14.09 -15.01
CA LEU D 236 36.65 14.75 -15.22
C LEU D 236 35.57 14.24 -14.21
N LEU D 237 35.53 12.92 -13.97
CA LEU D 237 34.55 12.37 -13.02
C LEU D 237 35.07 12.45 -11.58
N LYS D 238 35.24 13.70 -11.12
CA LYS D 238 35.63 13.94 -9.73
C LYS D 238 34.53 14.67 -8.97
N HIS D 239 34.26 14.17 -7.78
CA HIS D 239 33.14 14.63 -6.95
C HIS D 239 33.35 16.08 -6.56
N ASN D 240 34.60 16.42 -6.25
CA ASN D 240 35.03 17.79 -6.00
C ASN D 240 35.14 18.42 -7.37
N PRO D 241 34.22 19.37 -7.69
CA PRO D 241 34.32 20.12 -8.94
C PRO D 241 35.68 20.79 -9.13
N HIS D 253 45.69 17.66 -23.35
CA HIS D 253 45.80 16.37 -22.69
C HIS D 253 46.28 15.35 -23.70
N PRO D 254 47.29 14.54 -23.30
CA PRO D 254 48.00 13.66 -24.20
C PRO D 254 47.13 12.61 -24.86
N TRP D 255 46.06 12.15 -24.21
CA TRP D 255 45.24 11.15 -24.89
C TRP D 255 44.40 11.82 -25.97
N ILE D 256 44.00 13.05 -25.69
CA ILE D 256 43.21 13.87 -26.62
C ILE D 256 44.05 14.31 -27.81
N THR D 257 45.19 14.98 -27.57
CA THR D 257 46.14 15.22 -28.68
C THR D 257 46.72 13.90 -29.19
N ALA D 258 46.94 13.82 -30.50
CA ALA D 258 47.42 12.58 -31.12
C ALA D 258 46.58 11.34 -30.78
N ASN D 259 45.26 11.53 -30.68
CA ASN D 259 44.27 10.47 -30.98
C ASN D 259 43.18 11.04 -31.92
N SER D 260 43.23 12.36 -32.11
CA SER D 260 42.14 13.18 -32.62
C SER D 260 42.02 13.38 -34.17
N SER D 261 42.36 14.58 -34.67
CA SER D 261 41.84 15.06 -35.97
C SER D 261 42.30 14.25 -37.16
CAA N15 E . 5.19 4.96 20.67
CBE N15 E . 6.11 4.76 21.87
CAB N15 E . 7.34 3.99 21.35
CAN N15 E . 5.40 3.97 22.98
CAM N15 E . 4.50 4.83 23.87
NAS N15 E . 3.17 4.22 23.84
C N15 E . 2.91 3.14 24.58
O N15 E . 3.72 2.70 25.40
CA N15 E . 1.49 2.53 24.44
N N15 E . 0.77 3.01 25.58
CAL N15 E . 0.14 2.53 26.67
NAP N15 E . 0.82 4.24 25.55
CAJ N15 E . 0.18 4.71 26.62
CAX N15 E . -0.23 3.65 27.33
CAW N15 E . -0.94 3.86 28.45
CAK N15 E . -0.57 4.94 29.25
CAF N15 E . -2.06 3.10 28.81
CAI N15 E . -2.74 3.48 29.98
CBD N15 E . -2.32 4.52 30.72
CBC N15 E . -1.27 5.25 30.35
NAT N15 E . -1.10 6.21 31.27
NAQ N15 E . -1.89 6.16 32.09
CAZ N15 E . -2.71 5.13 31.83
CAY N15 E . -3.75 4.82 32.64
NAU N15 E . -4.11 5.52 33.72
CBB N15 E . -5.17 4.91 34.26
CAH N15 E . -5.89 5.21 35.36
CAE N15 E . -6.98 4.39 35.74
CAD N15 E . -7.29 3.29 34.91
CAG N15 E . -6.50 3.04 33.77
CBA N15 E . -5.47 3.86 33.49
NAR N15 E . -4.60 3.82 32.49
CAA N15 F . -35.37 -19.44 18.97
CBE N15 F . -35.66 -17.94 19.10
CAB N15 F . -35.60 -17.30 17.71
CAN N15 F . -34.58 -17.31 19.97
CAM N15 F . -35.06 -16.79 21.34
NAS N15 F . -33.86 -16.16 21.94
C N15 F . -33.37 -15.08 21.34
O N15 F . -33.95 -14.60 20.36
CA N15 F . -32.06 -14.44 21.85
N N15 F . -32.20 -13.76 23.13
CAL N15 F . -32.04 -12.54 23.70
NAP N15 F . -32.54 -14.56 23.90
CAJ N15 F . -32.70 -14.03 25.10
CAX N15 F . -32.42 -12.75 24.97
CAW N15 F . -32.42 -12.00 26.09
CAK N15 F . -33.32 -12.30 27.13
CAF N15 F . -31.46 -11.01 26.33
CAI N15 F . -31.49 -10.32 27.54
CBD N15 F . -32.40 -10.64 28.49
CBC N15 F . -33.28 -11.62 28.28
NAT N15 F . -34.05 -11.69 29.36
NAQ N15 F . -33.71 -10.91 30.19
CAZ N15 F . -32.68 -10.20 29.73
CAY N15 F . -32.06 -9.23 30.47
NAU N15 F . -32.34 -8.88 31.75
CBB N15 F . -31.49 -7.89 32.10
CAH N15 F . -31.36 -7.17 33.21
CAE N15 F . -30.36 -6.19 33.34
CAD N15 F . -29.48 -5.95 32.26
CAG N15 F . -29.67 -6.73 31.12
CBA N15 F . -30.65 -7.67 31.07
NAR N15 F . -31.01 -8.50 30.07
CAA N15 G . 12.38 -14.27 -10.80
CBE N15 G . 13.05 -15.17 -11.85
CAB N15 G . 14.20 -15.91 -11.16
CAN N15 G . 13.63 -14.28 -12.93
CAM N15 G . 13.54 -14.88 -14.34
NAS N15 G . 13.47 -13.73 -15.28
C N15 G . 14.42 -12.81 -15.17
O N15 G . 15.34 -12.95 -14.38
CA N15 G . 14.37 -11.56 -16.09
N N15 G . 14.71 -11.94 -17.45
CAL N15 G . 15.57 -11.53 -18.39
NAP N15 G . 14.02 -12.85 -17.79
CAJ N15 G . 14.34 -13.18 -19.02
CAX N15 G . 15.34 -12.38 -19.40
CAW N15 G . 15.80 -12.43 -20.66
CAK N15 G . 15.64 -13.62 -21.40
CAF N15 G . 16.30 -11.28 -21.31
CAI N15 G . 16.69 -11.40 -22.65
CBD N15 G . 16.55 -12.57 -23.30
CBC N15 G . 16.01 -13.65 -22.68
NAT N15 G . 16.00 -14.65 -23.54
NAQ N15 G . 16.44 -14.30 -24.58
CAZ N15 G . 16.81 -13.01 -24.54
CAY N15 G . 17.30 -12.36 -25.62
NAU N15 G . 17.43 -12.86 -26.87
CBB N15 G . 17.94 -11.90 -27.67
CAH N15 G . 18.28 -11.88 -28.98
CAE N15 G . 18.81 -10.72 -29.62
CAD N15 G . 18.93 -9.55 -28.82
CAG N15 G . 18.56 -9.62 -27.46
CBA N15 G . 18.07 -10.77 -26.93
NAR N15 G . 17.65 -11.07 -25.67
CAA N15 H . 17.08 29.06 -28.07
CBE N15 H . 16.03 28.77 -29.14
CAB N15 H . 14.67 29.16 -28.57
CAN N15 H . 16.00 27.27 -29.43
CAM N15 H . 16.74 26.83 -30.70
NAS N15 H . 17.05 25.40 -30.53
C N15 H . 16.06 24.52 -30.32
O N15 H . 14.87 24.84 -30.29
CA N15 H . 16.44 23.05 -30.11
N N15 H . 16.87 22.42 -31.32
CAL N15 H . 16.51 21.28 -31.93
NAP N15 H . 17.68 23.00 -31.87
CAJ N15 H . 18.04 22.37 -32.96
CAX N15 H . 17.27 21.31 -33.04
CAW N15 H . 17.47 20.38 -33.99
CAK N15 H . 18.19 20.78 -35.10
CAF N15 H . 17.14 19.02 -33.82
CAI N15 H . 17.48 18.15 -34.85
CBD N15 H . 18.14 18.60 -35.94
CBC N15 H . 18.50 19.90 -36.04
NAT N15 H . 19.12 20.08 -37.19
NAQ N15 H . 19.22 19.04 -37.79
CAZ N15 H . 18.64 18.06 -37.07
CAY N15 H . 18.59 16.79 -37.51
NAU N15 H . 19.10 16.35 -38.67
CBB N15 H . 18.85 15.03 -38.77
CAH N15 H . 19.12 14.13 -39.74
CAE N15 H . 18.73 12.76 -39.60
CAD N15 H . 18.07 12.39 -38.42
CAG N15 H . 17.82 13.39 -37.46
CBA N15 H . 18.20 14.66 -37.65
NAR N15 H . 18.06 15.76 -36.88
#